data_5VVO
#
_entry.id   5VVO
#
_cell.length_a   82.404
_cell.length_b   96.830
_cell.length_c   89.075
_cell.angle_alpha   90.00
_cell.angle_beta   115.24
_cell.angle_gamma   90.00
#
_symmetry.space_group_name_H-M   'P 1 21 1'
#
loop_
_entity.id
_entity.type
_entity.pdbx_description
1 polymer 'Protein O-GlcNAcase'
2 water water
#
_entity_poly.entity_id   1
_entity_poly.type   'polypeptide(L)'
_entity_poly.pdbx_seq_one_letter_code
;HFLCGVVEGFYGRPWVMEQRKELFRRLQKWELNTYLYAPKDDYKHRMFWREMYSVEEAEQLMTLISAAREYEIEFIYAIS
PGLDITFSNPKEVSTLKRKLDQVSQFGCRSFALLFDNIDHNMCAADKEVFSSFAHAQVSITNEIYQYLGEPETFLFCPTE
YCGTFCYPNVSQSPYLRTVGEKLLPGIEVLWTGPKVVSKEIPVESIEEVSKIIKRAPVIWDNIHANDYDQKRLFLGPYKG
RSTELIPRLKGVLTNPNCEFEANYVAIHTLATWYKSNMNGVRKDVVMTDSEDSTVSIQIKLENEGSDEDIETDVLYSPQM
ALKLALTEWLQEFGVPHQYSSRGGGGSGGGGSVTLEDLQLLADLFYLPYEHGPKGAQMLREFQWLRANSSVVSVNCKGKD
SEKIEEWRSRAAKFEEMCGLVMGMFTRLSNCANRTILYDMYSYVWDIKSIMSMVKSFVQWLGCRSHSSAQFLIGDQEPWA
FRGGLAGEFQRLLPIDGANDLFFQ
;
_entity_poly.pdbx_strand_id   A,B
#
# COMPACT_ATOMS: atom_id res chain seq x y z
N HIS A 1 -14.80 -14.52 -32.01
CA HIS A 1 -13.54 -13.71 -32.04
C HIS A 1 -12.63 -13.80 -30.80
N PHE A 2 -11.39 -13.36 -30.98
CA PHE A 2 -10.31 -13.43 -29.97
C PHE A 2 -10.45 -12.36 -28.88
N LEU A 3 -10.40 -12.81 -27.63
CA LEU A 3 -10.60 -11.92 -26.49
C LEU A 3 -9.27 -11.34 -26.01
N CYS A 4 -9.16 -10.03 -25.97
CA CYS A 4 -7.97 -9.45 -25.42
C CYS A 4 -8.33 -8.29 -24.58
N GLY A 5 -7.88 -8.28 -23.34
CA GLY A 5 -8.13 -7.13 -22.48
C GLY A 5 -7.63 -7.31 -21.06
N VAL A 6 -8.41 -6.79 -20.13
CA VAL A 6 -8.09 -6.81 -18.71
C VAL A 6 -9.12 -7.60 -17.91
N VAL A 7 -8.65 -8.40 -16.98
CA VAL A 7 -9.51 -8.94 -15.89
C VAL A 7 -9.21 -8.17 -14.60
N GLU A 8 -10.26 -7.71 -13.91
CA GLU A 8 -10.12 -7.14 -12.58
C GLU A 8 -10.29 -8.32 -11.69
N GLY A 9 -9.20 -9.04 -11.46
CA GLY A 9 -9.22 -10.37 -10.86
C GLY A 9 -8.40 -10.57 -9.59
N PHE A 10 -8.06 -9.47 -8.92
CA PHE A 10 -7.10 -9.48 -7.83
C PHE A 10 -7.71 -9.30 -6.43
N TYR A 11 -6.97 -9.76 -5.43
CA TYR A 11 -7.36 -9.61 -4.05
C TYR A 11 -7.17 -8.20 -3.56
N GLY A 12 -8.05 -7.75 -2.67
CA GLY A 12 -7.95 -6.44 -2.04
C GLY A 12 -8.98 -5.46 -2.51
N ARG A 13 -8.75 -4.19 -2.17
CA ARG A 13 -9.63 -3.09 -2.58
C ARG A 13 -9.85 -3.20 -4.08
N PRO A 14 -11.11 -3.37 -4.52
CA PRO A 14 -11.35 -3.36 -5.95
C PRO A 14 -11.36 -1.93 -6.47
N TRP A 15 -11.31 -1.80 -7.78
CA TRP A 15 -11.43 -0.51 -8.44
C TRP A 15 -12.87 0.01 -8.35
N VAL A 16 -12.98 1.31 -8.44
CA VAL A 16 -14.27 1.98 -8.34
C VAL A 16 -14.81 2.20 -9.75
N MET A 17 -16.07 2.58 -9.84
CA MET A 17 -16.77 2.66 -11.12
C MET A 17 -16.17 3.73 -12.03
N GLU A 18 -15.79 4.89 -11.49
CA GLU A 18 -15.12 5.94 -12.28
C GLU A 18 -13.83 5.39 -12.90
N GLN A 19 -13.11 4.56 -12.14
CA GLN A 19 -11.84 3.95 -12.62
C GLN A 19 -12.12 2.93 -13.73
N ARG A 20 -13.14 2.08 -13.54
CA ARG A 20 -13.53 1.15 -14.59
C ARG A 20 -14.00 1.82 -15.91
N LYS A 21 -14.60 3.00 -15.82
CA LYS A 21 -15.07 3.71 -17.00
C LYS A 21 -13.85 4.24 -17.73
N GLU A 22 -12.94 4.87 -16.99
CA GLU A 22 -11.66 5.30 -17.52
C GLU A 22 -10.90 4.12 -18.14
N LEU A 23 -11.03 2.93 -17.54
CA LEU A 23 -10.46 1.73 -18.14
C LEU A 23 -11.02 1.42 -19.52
N PHE A 24 -12.34 1.51 -19.66
CA PHE A 24 -12.98 1.18 -20.94
C PHE A 24 -12.57 2.15 -22.02
N ARG A 25 -12.48 3.43 -21.67
CA ARG A 25 -11.91 4.46 -22.52
C ARG A 25 -10.58 3.96 -23.12
N ARG A 26 -9.67 3.53 -22.25
CA ARG A 26 -8.31 3.14 -22.62
C ARG A 26 -8.25 1.86 -23.44
N LEU A 27 -9.05 0.87 -23.09
CA LEU A 27 -9.09 -0.35 -23.88
C LEU A 27 -9.49 -0.05 -25.34
N GLN A 28 -10.43 0.87 -25.51
CA GLN A 28 -10.89 1.27 -26.82
C GLN A 28 -9.81 2.06 -27.54
N LYS A 29 -9.30 3.11 -26.88
CA LYS A 29 -8.14 3.87 -27.35
C LYS A 29 -7.10 2.93 -27.94
N TRP A 30 -6.82 1.81 -27.27
CA TRP A 30 -5.76 0.90 -27.68
C TRP A 30 -6.23 -0.34 -28.44
N GLU A 31 -7.51 -0.41 -28.78
CA GLU A 31 -8.05 -1.49 -29.63
C GLU A 31 -8.10 -2.85 -28.94
N LEU A 32 -8.19 -2.84 -27.62
CA LEU A 32 -8.59 -4.03 -26.89
C LEU A 32 -10.12 -4.10 -26.84
N ASN A 33 -10.64 -5.29 -26.54
CA ASN A 33 -12.09 -5.57 -26.67
C ASN A 33 -12.84 -6.17 -25.46
N THR A 34 -12.15 -6.58 -24.38
CA THR A 34 -12.79 -7.30 -23.27
C THR A 34 -12.45 -6.78 -21.87
N TYR A 35 -13.42 -6.93 -20.94
CA TYR A 35 -13.23 -6.72 -19.50
C TYR A 35 -13.91 -7.83 -18.76
N LEU A 36 -13.16 -8.53 -17.89
CA LEU A 36 -13.74 -9.56 -17.01
C LEU A 36 -13.80 -9.02 -15.59
N TYR A 37 -15.02 -8.92 -15.06
CA TYR A 37 -15.25 -8.48 -13.66
C TYR A 37 -15.12 -9.68 -12.72
N ALA A 38 -14.05 -9.72 -11.93
CA ALA A 38 -13.83 -10.78 -10.97
C ALA A 38 -12.97 -10.37 -9.76
N PRO A 39 -13.29 -9.22 -9.12
CA PRO A 39 -12.47 -8.76 -7.98
C PRO A 39 -12.72 -9.65 -6.78
N LYS A 40 -11.67 -10.27 -6.22
CA LYS A 40 -11.84 -11.35 -5.27
C LYS A 40 -12.55 -10.89 -3.97
N ASP A 41 -12.48 -9.60 -3.68
CA ASP A 41 -13.00 -9.08 -2.44
C ASP A 41 -14.06 -7.99 -2.59
N ASP A 42 -14.70 -7.92 -3.75
CA ASP A 42 -16.00 -7.23 -3.84
C ASP A 42 -16.90 -8.34 -3.33
N TYR A 43 -17.56 -8.08 -2.19
CA TYR A 43 -18.18 -9.14 -1.39
C TYR A 43 -19.21 -10.02 -2.11
N LYS A 44 -19.95 -9.43 -3.03
CA LYS A 44 -21.01 -10.13 -3.74
C LYS A 44 -20.51 -10.91 -4.96
N HIS A 45 -19.24 -10.69 -5.35
CA HIS A 45 -18.62 -11.53 -6.35
C HIS A 45 -18.28 -12.90 -5.79
N ARG A 46 -17.84 -12.94 -4.54
CA ARG A 46 -17.31 -14.22 -3.97
C ARG A 46 -17.81 -14.61 -2.61
N MET A 47 -17.61 -13.76 -1.63
CA MET A 47 -17.83 -14.17 -0.25
C MET A 47 -19.32 -14.36 0.01
N PHE A 48 -20.10 -13.38 -0.44
CA PHE A 48 -21.54 -13.34 -0.25
C PHE A 48 -22.16 -13.25 -1.63
N TRP A 49 -21.83 -14.28 -2.42
CA TRP A 49 -22.25 -14.41 -3.81
C TRP A 49 -23.72 -14.74 -4.03
N ARG A 50 -24.36 -15.29 -3.00
CA ARG A 50 -25.79 -15.52 -3.00
C ARG A 50 -26.61 -14.21 -3.01
N GLU A 51 -26.07 -13.15 -2.46
CA GLU A 51 -26.83 -11.90 -2.24
C GLU A 51 -27.04 -11.06 -3.49
N MET A 52 -28.30 -10.70 -3.72
CA MET A 52 -28.70 -9.85 -4.85
C MET A 52 -28.29 -8.45 -4.52
N TYR A 53 -28.06 -7.67 -5.56
CA TYR A 53 -27.60 -6.29 -5.43
C TYR A 53 -28.76 -5.42 -4.96
N SER A 54 -28.49 -4.44 -4.12
CA SER A 54 -29.49 -3.48 -3.72
C SER A 54 -29.80 -2.53 -4.87
N VAL A 55 -30.87 -1.77 -4.72
CA VAL A 55 -31.33 -0.91 -5.80
C VAL A 55 -30.28 0.16 -6.10
N GLU A 56 -29.58 0.69 -5.09
CA GLU A 56 -28.54 1.68 -5.36
C GLU A 56 -27.29 1.04 -5.96
N GLU A 57 -27.03 -0.22 -5.61
CA GLU A 57 -25.97 -0.99 -6.24
C GLU A 57 -26.29 -1.33 -7.68
N ALA A 58 -27.53 -1.77 -7.94
CA ALA A 58 -27.99 -2.03 -9.30
C ALA A 58 -27.88 -0.80 -10.21
N GLU A 59 -28.19 0.38 -9.68
CA GLU A 59 -28.09 1.62 -10.46
C GLU A 59 -26.62 1.86 -10.94
N GLN A 60 -25.65 1.52 -10.09
CA GLN A 60 -24.22 1.65 -10.46
C GLN A 60 -23.74 0.59 -11.47
N LEU A 61 -24.16 -0.67 -11.30
CA LEU A 61 -23.79 -1.67 -12.29
C LEU A 61 -24.38 -1.43 -13.67
N MET A 62 -25.66 -1.04 -13.75
CA MET A 62 -26.25 -0.85 -15.06
C MET A 62 -25.59 0.37 -15.69
N THR A 63 -25.36 1.43 -14.93
CA THR A 63 -24.58 2.57 -15.43
C THR A 63 -23.17 2.17 -15.94
N LEU A 64 -22.52 1.21 -15.28
CA LEU A 64 -21.20 0.68 -15.69
C LEU A 64 -21.26 -0.22 -16.92
N ILE A 65 -22.16 -1.18 -16.90
CA ILE A 65 -22.34 -2.08 -18.04
C ILE A 65 -22.69 -1.33 -19.35
N SER A 66 -23.34 -0.17 -19.22
CA SER A 66 -23.68 0.66 -20.37
C SER A 66 -22.54 1.54 -20.84
N ALA A 67 -21.64 1.96 -19.95
CA ALA A 67 -20.39 2.55 -20.38
C ALA A 67 -19.55 1.52 -21.18
N ALA A 68 -19.60 0.24 -20.81
CA ALA A 68 -18.89 -0.81 -21.54
C ALA A 68 -19.38 -0.90 -22.97
N ARG A 69 -20.70 -0.85 -23.11
CA ARG A 69 -21.33 -0.91 -24.43
C ARG A 69 -21.02 0.40 -25.17
N GLU A 70 -21.27 1.54 -24.54
CA GLU A 70 -20.85 2.86 -25.07
C GLU A 70 -19.44 2.83 -25.68
N TYR A 71 -18.50 2.15 -25.03
CA TYR A 71 -17.08 2.11 -25.46
C TYR A 71 -16.66 0.85 -26.23
N GLU A 72 -17.63 0.03 -26.64
CA GLU A 72 -17.43 -1.16 -27.46
C GLU A 72 -16.53 -2.23 -26.81
N ILE A 73 -16.53 -2.24 -25.49
CA ILE A 73 -15.85 -3.26 -24.71
C ILE A 73 -16.91 -4.24 -24.23
N GLU A 74 -16.64 -5.52 -24.47
CA GLU A 74 -17.48 -6.59 -23.98
C GLU A 74 -17.30 -6.72 -22.47
N PHE A 75 -18.40 -6.97 -21.77
CA PHE A 75 -18.42 -7.02 -20.31
C PHE A 75 -18.75 -8.43 -19.88
N ILE A 76 -17.82 -9.11 -19.21
CA ILE A 76 -18.07 -10.48 -18.72
C ILE A 76 -18.19 -10.47 -17.19
N TYR A 77 -19.35 -10.92 -16.69
CA TYR A 77 -19.65 -10.91 -15.26
C TYR A 77 -19.20 -12.22 -14.71
N ALA A 78 -18.29 -12.19 -13.73
CA ALA A 78 -17.86 -13.45 -13.10
C ALA A 78 -18.45 -13.62 -11.70
N ILE A 79 -18.56 -14.88 -11.30
CA ILE A 79 -19.06 -15.25 -9.99
C ILE A 79 -18.21 -16.43 -9.51
N SER A 80 -17.83 -16.37 -8.22
CA SER A 80 -16.94 -17.37 -7.63
C SER A 80 -17.68 -17.94 -6.45
N PRO A 81 -18.48 -19.00 -6.69
CA PRO A 81 -19.25 -19.61 -5.65
C PRO A 81 -18.58 -20.85 -5.04
N GLY A 82 -17.39 -21.21 -5.52
CA GLY A 82 -16.79 -22.52 -5.21
C GLY A 82 -16.47 -22.78 -3.74
N LEU A 83 -16.31 -21.73 -2.92
CA LEU A 83 -15.91 -21.87 -1.52
C LEU A 83 -16.79 -22.82 -0.70
N ASP A 84 -18.08 -22.49 -0.62
CA ASP A 84 -19.00 -23.11 0.33
C ASP A 84 -20.29 -23.62 -0.30
N ILE A 85 -20.38 -23.57 -1.63
CA ILE A 85 -21.60 -24.02 -2.34
C ILE A 85 -21.80 -25.52 -2.21
N THR A 86 -23.05 -25.95 -2.00
CA THR A 86 -23.38 -27.38 -2.09
C THR A 86 -23.90 -27.55 -3.52
N PHE A 87 -23.17 -28.32 -4.32
CA PHE A 87 -23.47 -28.47 -5.75
C PHE A 87 -24.78 -29.20 -6.01
N SER A 88 -25.11 -30.19 -5.19
CA SER A 88 -26.33 -30.99 -5.39
C SER A 88 -27.64 -30.38 -4.84
N ASN A 89 -27.55 -29.47 -3.86
CA ASN A 89 -28.72 -28.71 -3.38
C ASN A 89 -29.25 -27.71 -4.44
N PRO A 90 -30.50 -27.93 -4.93
CA PRO A 90 -31.05 -27.10 -5.98
C PRO A 90 -31.41 -25.70 -5.55
N LYS A 91 -31.49 -25.44 -4.24
CA LYS A 91 -31.65 -24.06 -3.77
C LYS A 91 -30.40 -23.27 -4.09
N GLU A 92 -29.24 -23.88 -3.86
CA GLU A 92 -27.96 -23.25 -4.21
C GLU A 92 -27.93 -22.94 -5.71
N VAL A 93 -28.27 -23.95 -6.52
CA VAL A 93 -28.29 -23.81 -7.97
C VAL A 93 -29.27 -22.68 -8.40
N SER A 94 -30.48 -22.69 -7.85
CA SER A 94 -31.46 -21.62 -8.10
C SER A 94 -30.96 -20.24 -7.66
N THR A 95 -30.27 -20.19 -6.52
CA THR A 95 -29.73 -18.93 -6.01
C THR A 95 -28.71 -18.35 -6.98
N LEU A 96 -27.92 -19.24 -7.58
CA LEU A 96 -26.90 -18.85 -8.56
C LEU A 96 -27.58 -18.31 -9.82
N LYS A 97 -28.60 -19.04 -10.30
CA LYS A 97 -29.41 -18.57 -11.43
C LYS A 97 -30.08 -17.22 -11.16
N ARG A 98 -30.70 -17.08 -10.00
CA ARG A 98 -31.32 -15.80 -9.59
C ARG A 98 -30.31 -14.66 -9.69
N LYS A 99 -29.09 -14.90 -9.20
CA LYS A 99 -28.03 -13.88 -9.17
C LYS A 99 -27.58 -13.47 -10.57
N LEU A 100 -27.43 -14.44 -11.47
CA LEU A 100 -27.05 -14.16 -12.85
C LEU A 100 -28.15 -13.36 -13.59
N ASP A 101 -29.40 -13.84 -13.49
CA ASP A 101 -30.55 -13.14 -14.09
C ASP A 101 -30.50 -11.66 -13.73
N GLN A 102 -30.26 -11.40 -12.45
CA GLN A 102 -30.29 -10.04 -11.95
C GLN A 102 -29.30 -9.14 -12.70
N VAL A 103 -28.10 -9.66 -12.90
CA VAL A 103 -27.05 -8.93 -13.60
C VAL A 103 -27.40 -8.81 -15.10
N SER A 104 -27.90 -9.91 -15.69
CA SER A 104 -28.39 -9.90 -17.06
C SER A 104 -29.41 -8.78 -17.34
N GLN A 105 -30.37 -8.60 -16.44
CA GLN A 105 -31.31 -7.49 -16.55
C GLN A 105 -30.67 -6.11 -16.41
N PHE A 106 -29.45 -6.03 -15.88
CA PHE A 106 -28.69 -4.76 -15.92
C PHE A 106 -28.08 -4.53 -17.31
N GLY A 107 -28.22 -5.52 -18.19
CA GLY A 107 -27.85 -5.40 -19.59
C GLY A 107 -26.54 -6.10 -19.92
N CYS A 108 -26.27 -7.21 -19.25
CA CYS A 108 -25.02 -7.93 -19.39
C CYS A 108 -25.31 -9.20 -20.12
N ARG A 109 -24.57 -9.49 -21.18
CA ARG A 109 -24.80 -10.66 -22.05
C ARG A 109 -23.72 -11.75 -21.93
N SER A 110 -22.60 -11.46 -21.27
CA SER A 110 -21.50 -12.45 -21.11
C SER A 110 -21.21 -12.74 -19.63
N PHE A 111 -20.77 -13.96 -19.32
CA PHE A 111 -20.64 -14.43 -17.93
C PHE A 111 -19.45 -15.40 -17.69
N ALA A 112 -19.06 -15.57 -16.44
CA ALA A 112 -18.08 -16.60 -16.10
C ALA A 112 -18.29 -17.23 -14.72
N LEU A 113 -18.03 -18.54 -14.61
CA LEU A 113 -17.96 -19.22 -13.31
C LEU A 113 -16.52 -19.57 -12.96
N LEU A 114 -16.04 -19.04 -11.84
CA LEU A 114 -14.65 -19.25 -11.37
C LEU A 114 -14.53 -20.24 -10.22
N PHE A 115 -13.71 -21.28 -10.39
CA PHE A 115 -13.43 -22.23 -9.30
C PHE A 115 -11.95 -22.31 -8.95
N ASP A 116 -11.30 -21.15 -8.80
CA ASP A 116 -9.84 -21.07 -8.57
C ASP A 116 -9.34 -21.90 -7.36
N ASN A 117 -9.35 -21.27 -6.20
CA ASN A 117 -8.45 -21.68 -5.14
C ASN A 117 -9.30 -22.20 -4.02
N ILE A 118 -9.70 -23.47 -4.17
CA ILE A 118 -10.72 -24.05 -3.31
C ILE A 118 -10.36 -25.47 -2.97
N ASP A 119 -10.69 -25.84 -1.74
CA ASP A 119 -10.76 -27.22 -1.28
C ASP A 119 -11.10 -28.23 -2.42
N HIS A 120 -10.28 -29.26 -2.58
CA HIS A 120 -10.49 -30.28 -3.61
C HIS A 120 -11.66 -31.21 -3.35
N ASN A 121 -12.10 -31.41 -2.11
CA ASN A 121 -13.11 -32.45 -1.79
C ASN A 121 -14.45 -31.82 -1.37
N MET A 122 -15.56 -32.39 -1.88
CA MET A 122 -16.90 -31.86 -1.67
C MET A 122 -17.44 -32.24 -0.31
N CYS A 123 -18.63 -31.77 0.02
CA CYS A 123 -19.39 -32.25 1.19
C CYS A 123 -19.97 -33.66 0.95
N ALA A 124 -20.66 -34.21 1.95
CA ALA A 124 -21.10 -35.62 1.90
C ALA A 124 -22.20 -35.80 0.86
N ALA A 125 -23.25 -35.00 0.95
CA ALA A 125 -24.35 -35.00 -0.03
C ALA A 125 -23.90 -34.97 -1.52
N ASP A 126 -22.87 -34.16 -1.78
CA ASP A 126 -22.32 -33.96 -3.12
C ASP A 126 -21.54 -35.17 -3.63
N LYS A 127 -20.77 -35.84 -2.75
CA LYS A 127 -20.04 -37.07 -3.13
C LYS A 127 -21.02 -38.18 -3.52
N GLU A 128 -22.18 -38.17 -2.86
CA GLU A 128 -23.29 -39.07 -3.19
C GLU A 128 -23.74 -38.90 -4.66
N VAL A 129 -24.00 -37.66 -5.08
CA VAL A 129 -24.58 -37.37 -6.42
C VAL A 129 -23.56 -37.44 -7.56
N PHE A 130 -22.37 -36.87 -7.36
CA PHE A 130 -21.37 -36.69 -8.42
C PHE A 130 -20.18 -37.60 -8.18
N SER A 131 -19.65 -38.14 -9.29
CA SER A 131 -18.52 -39.06 -9.25
C SER A 131 -17.18 -38.43 -8.83
N SER A 132 -17.00 -37.14 -9.09
CA SER A 132 -15.76 -36.41 -8.78
C SER A 132 -16.03 -34.92 -8.67
N PHE A 133 -15.03 -34.20 -8.16
CA PHE A 133 -15.09 -32.74 -8.04
C PHE A 133 -15.29 -32.08 -9.39
N ALA A 134 -14.55 -32.59 -10.40
CA ALA A 134 -14.68 -32.13 -11.78
C ALA A 134 -16.12 -32.25 -12.30
N HIS A 135 -16.68 -33.46 -12.18
CA HIS A 135 -18.06 -33.73 -12.63
C HIS A 135 -19.07 -32.74 -12.04
N ALA A 136 -18.92 -32.42 -10.76
CA ALA A 136 -19.82 -31.48 -10.06
C ALA A 136 -19.77 -30.06 -10.60
N GLN A 137 -18.57 -29.58 -10.88
CA GLN A 137 -18.39 -28.25 -11.45
C GLN A 137 -18.93 -28.14 -12.86
N VAL A 138 -18.59 -29.10 -13.72
CA VAL A 138 -19.11 -29.12 -15.10
C VAL A 138 -20.64 -29.15 -15.15
N SER A 139 -21.22 -30.02 -14.34
CA SER A 139 -22.66 -30.25 -14.31
C SER A 139 -23.44 -29.01 -14.05
N ILE A 140 -22.99 -28.24 -13.07
CA ILE A 140 -23.60 -26.94 -12.81
C ILE A 140 -23.20 -25.87 -13.85
N THR A 141 -21.98 -25.95 -14.40
CA THR A 141 -21.51 -24.95 -15.36
C THR A 141 -22.32 -25.10 -16.66
N ASN A 142 -22.47 -26.34 -17.12
CA ASN A 142 -23.29 -26.65 -18.30
C ASN A 142 -24.74 -26.24 -18.08
N GLU A 143 -25.34 -26.72 -17.00
CA GLU A 143 -26.72 -26.35 -16.66
C GLU A 143 -26.93 -24.85 -16.71
N ILE A 144 -26.01 -24.08 -16.13
CA ILE A 144 -26.11 -22.62 -16.11
C ILE A 144 -25.92 -22.02 -17.52
N TYR A 145 -24.99 -22.59 -18.30
CA TYR A 145 -24.79 -22.18 -19.71
C TYR A 145 -26.13 -22.21 -20.43
N GLN A 146 -26.76 -23.38 -20.35
CA GLN A 146 -27.99 -23.68 -21.09
C GLN A 146 -29.13 -22.82 -20.59
N TYR A 147 -29.32 -22.81 -19.27
CA TYR A 147 -30.31 -21.96 -18.63
C TYR A 147 -30.29 -20.48 -19.07
N LEU A 148 -29.11 -19.93 -19.36
CA LEU A 148 -29.00 -18.55 -19.83
C LEU A 148 -29.18 -18.38 -21.36
N GLY A 149 -29.42 -19.49 -22.07
CA GLY A 149 -29.61 -19.46 -23.53
C GLY A 149 -28.32 -19.52 -24.32
N GLU A 150 -27.30 -20.13 -23.72
CA GLU A 150 -26.00 -20.35 -24.36
C GLU A 150 -25.40 -19.02 -24.88
N PRO A 151 -25.09 -18.08 -23.96
CA PRO A 151 -24.71 -16.71 -24.36
C PRO A 151 -23.43 -16.59 -25.19
N GLU A 152 -23.22 -15.40 -25.73
CA GLU A 152 -22.11 -15.14 -26.66
C GLU A 152 -20.82 -15.74 -26.06
N THR A 153 -20.32 -15.10 -25.00
CA THR A 153 -19.13 -15.52 -24.28
C THR A 153 -19.51 -16.11 -22.90
N PHE A 154 -19.03 -17.31 -22.63
CA PHE A 154 -19.16 -17.91 -21.31
C PHE A 154 -17.85 -18.60 -20.88
N LEU A 155 -17.30 -18.16 -19.74
CA LEU A 155 -15.99 -18.68 -19.25
C LEU A 155 -16.07 -19.54 -17.98
N PHE A 156 -15.24 -20.60 -17.97
CA PHE A 156 -15.11 -21.47 -16.83
C PHE A 156 -13.63 -21.56 -16.41
N CYS A 157 -13.31 -21.08 -15.21
CA CYS A 157 -11.95 -21.25 -14.68
C CYS A 157 -11.83 -22.49 -13.80
N PRO A 158 -11.01 -23.45 -14.21
CA PRO A 158 -10.90 -24.66 -13.41
C PRO A 158 -10.08 -24.50 -12.12
N THR A 159 -10.24 -25.46 -11.24
CA THR A 159 -9.47 -25.55 -10.01
C THR A 159 -8.03 -25.92 -10.32
N GLU A 160 -7.83 -26.77 -11.31
CA GLU A 160 -6.49 -27.01 -11.85
C GLU A 160 -6.22 -26.05 -13.03
N TYR A 161 -5.96 -24.80 -12.71
CA TYR A 161 -5.88 -23.71 -13.69
C TYR A 161 -4.47 -23.33 -14.20
N CYS A 162 -3.47 -24.16 -13.86
CA CYS A 162 -2.12 -23.97 -14.38
C CYS A 162 -1.30 -25.24 -14.20
N GLY A 163 -0.21 -25.31 -14.94
CA GLY A 163 0.63 -26.51 -14.97
C GLY A 163 0.91 -27.13 -13.63
N THR A 164 1.40 -26.33 -12.68
CA THR A 164 1.86 -26.86 -11.40
C THR A 164 0.70 -27.31 -10.50
N PHE A 165 -0.52 -26.82 -10.78
CA PHE A 165 -1.73 -27.20 -10.03
C PHE A 165 -2.42 -28.43 -10.59
N CYS A 166 -1.87 -29.05 -11.63
CA CYS A 166 -2.46 -30.26 -12.22
C CYS A 166 -1.90 -31.55 -11.60
N TYR A 167 -2.79 -32.34 -10.98
CA TYR A 167 -2.40 -33.61 -10.35
C TYR A 167 -2.61 -34.77 -11.30
N PRO A 168 -1.61 -35.62 -11.59
CA PRO A 168 -0.18 -35.45 -11.23
C PRO A 168 0.62 -34.59 -12.23
N ASN A 169 0.12 -34.48 -13.45
CA ASN A 169 0.65 -33.56 -14.44
C ASN A 169 -0.49 -33.13 -15.36
N VAL A 170 -0.16 -32.28 -16.32
CA VAL A 170 -1.16 -31.70 -17.17
C VAL A 170 -1.76 -32.79 -18.05
N SER A 171 -0.91 -33.53 -18.75
CA SER A 171 -1.37 -34.53 -19.73
C SER A 171 -2.24 -35.65 -19.15
N GLN A 172 -1.98 -36.09 -17.91
CA GLN A 172 -2.68 -37.25 -17.32
C GLN A 172 -3.67 -36.90 -16.18
N SER A 173 -4.09 -35.65 -16.09
CA SER A 173 -4.98 -35.23 -15.02
C SER A 173 -6.42 -35.76 -15.26
N PRO A 174 -6.91 -36.67 -14.38
CA PRO A 174 -8.34 -37.01 -14.44
C PRO A 174 -9.29 -35.82 -14.33
N TYR A 175 -8.93 -34.80 -13.57
CA TYR A 175 -9.74 -33.60 -13.43
C TYR A 175 -9.89 -32.95 -14.81
N LEU A 176 -8.76 -32.68 -15.45
CA LEU A 176 -8.79 -32.02 -16.77
C LEU A 176 -9.33 -32.91 -17.90
N ARG A 177 -9.07 -34.22 -17.82
CA ARG A 177 -9.69 -35.16 -18.75
C ARG A 177 -11.22 -34.98 -18.73
N THR A 178 -11.78 -34.93 -17.53
CA THR A 178 -13.21 -34.72 -17.33
C THR A 178 -13.72 -33.38 -17.85
N VAL A 179 -12.95 -32.31 -17.67
CA VAL A 179 -13.38 -30.99 -18.17
C VAL A 179 -13.41 -31.05 -19.70
N GLY A 180 -12.31 -31.53 -20.27
CA GLY A 180 -12.20 -31.68 -21.72
C GLY A 180 -13.38 -32.37 -22.36
N GLU A 181 -13.85 -33.43 -21.71
CA GLU A 181 -14.90 -34.27 -22.28
C GLU A 181 -16.31 -33.74 -22.03
N LYS A 182 -16.62 -33.36 -20.80
CA LYS A 182 -18.01 -33.05 -20.42
C LYS A 182 -18.40 -31.58 -20.47
N LEU A 183 -17.44 -30.67 -20.55
CA LEU A 183 -17.78 -29.25 -20.58
C LEU A 183 -18.24 -28.98 -22.01
N LEU A 184 -19.38 -28.30 -22.14
CA LEU A 184 -19.99 -28.07 -23.45
C LEU A 184 -19.06 -27.26 -24.36
N PRO A 185 -18.92 -27.70 -25.63
CA PRO A 185 -18.04 -27.09 -26.63
C PRO A 185 -18.01 -25.56 -26.78
N GLY A 186 -19.08 -24.84 -26.42
CA GLY A 186 -19.13 -23.36 -26.55
C GLY A 186 -18.73 -22.57 -25.31
N ILE A 187 -18.45 -23.29 -24.21
CA ILE A 187 -17.91 -22.70 -22.98
C ILE A 187 -16.39 -22.72 -23.11
N GLU A 188 -15.76 -21.60 -22.74
CA GLU A 188 -14.30 -21.45 -22.80
C GLU A 188 -13.62 -21.72 -21.47
N VAL A 189 -12.35 -22.06 -21.53
CA VAL A 189 -11.57 -22.44 -20.36
C VAL A 189 -10.40 -21.48 -20.12
N LEU A 190 -10.36 -20.95 -18.89
CA LEU A 190 -9.31 -20.02 -18.47
C LEU A 190 -8.11 -20.81 -17.98
N TRP A 191 -6.90 -20.31 -18.25
CA TRP A 191 -5.63 -21.03 -17.94
C TRP A 191 -4.55 -19.99 -17.73
N THR A 192 -3.73 -20.14 -16.69
CA THR A 192 -2.72 -19.10 -16.36
C THR A 192 -1.29 -19.41 -16.82
N GLY A 193 -1.09 -20.57 -17.44
CA GLY A 193 0.21 -20.97 -18.00
C GLY A 193 0.78 -22.11 -17.20
N PRO A 194 2.11 -22.26 -17.18
CA PRO A 194 2.72 -23.35 -16.38
C PRO A 194 2.61 -23.13 -14.92
N LYS A 195 2.66 -21.87 -14.51
CA LYS A 195 2.57 -21.53 -13.11
C LYS A 195 1.44 -20.54 -12.96
N VAL A 196 1.19 -20.14 -11.71
CA VAL A 196 0.20 -19.15 -11.38
C VAL A 196 0.63 -17.78 -11.97
N VAL A 197 1.90 -17.42 -11.73
CA VAL A 197 2.54 -16.29 -12.38
C VAL A 197 3.57 -16.88 -13.32
N SER A 198 3.30 -16.89 -14.61
CA SER A 198 4.17 -17.60 -15.52
C SER A 198 5.25 -16.67 -15.98
N LYS A 199 6.51 -17.12 -15.87
CA LYS A 199 7.64 -16.34 -16.38
C LYS A 199 7.59 -16.31 -17.91
N GLU A 200 7.31 -17.48 -18.47
CA GLU A 200 7.16 -17.70 -19.90
C GLU A 200 5.94 -18.58 -20.08
N ILE A 201 5.23 -18.41 -21.18
CA ILE A 201 4.14 -19.35 -21.61
C ILE A 201 4.57 -19.99 -22.93
N PRO A 202 5.28 -21.12 -22.88
CA PRO A 202 5.76 -21.69 -24.11
C PRO A 202 4.65 -22.34 -24.94
N VAL A 203 4.83 -22.28 -26.26
CA VAL A 203 3.86 -22.83 -27.22
C VAL A 203 3.53 -24.27 -26.89
N GLU A 204 4.56 -25.08 -26.67
CA GLU A 204 4.39 -26.54 -26.43
C GLU A 204 3.53 -26.82 -25.20
N SER A 205 3.60 -25.94 -24.19
CA SER A 205 2.79 -26.07 -22.99
C SER A 205 1.31 -25.82 -23.29
N ILE A 206 1.05 -24.92 -24.23
CA ILE A 206 -0.31 -24.64 -24.70
C ILE A 206 -0.83 -25.73 -25.64
N GLU A 207 0.04 -26.33 -26.47
CA GLU A 207 -0.35 -27.50 -27.25
C GLU A 207 -0.77 -28.60 -26.29
N GLU A 208 0.05 -28.82 -25.26
CA GLU A 208 -0.15 -29.87 -24.29
C GLU A 208 -1.48 -29.76 -23.53
N VAL A 209 -1.79 -28.57 -23.04
CA VAL A 209 -3.06 -28.36 -22.33
C VAL A 209 -4.28 -28.45 -23.25
N SER A 210 -4.15 -27.91 -24.48
CA SER A 210 -5.25 -27.88 -25.45
C SER A 210 -5.72 -29.28 -25.82
N LYS A 211 -4.74 -30.18 -25.99
CA LYS A 211 -5.02 -31.58 -26.23
C LYS A 211 -5.98 -32.11 -25.16
N ILE A 212 -5.59 -31.98 -23.89
CA ILE A 212 -6.36 -32.58 -22.79
C ILE A 212 -7.72 -31.89 -22.51
N ILE A 213 -7.87 -30.59 -22.77
CA ILE A 213 -9.18 -29.90 -22.58
C ILE A 213 -9.99 -29.69 -23.86
N LYS A 214 -9.46 -30.26 -24.95
CA LYS A 214 -10.11 -30.35 -26.24
C LYS A 214 -10.44 -29.01 -26.88
N ARG A 215 -9.73 -27.96 -26.50
CA ARG A 215 -9.95 -26.63 -27.08
C ARG A 215 -8.82 -25.65 -26.74
N ALA A 216 -8.86 -24.51 -27.44
CA ALA A 216 -7.93 -23.40 -27.17
C ALA A 216 -8.39 -22.66 -25.90
N PRO A 217 -7.49 -22.48 -24.93
CA PRO A 217 -7.80 -21.77 -23.70
C PRO A 217 -7.69 -20.24 -23.81
N VAL A 218 -8.32 -19.55 -22.88
CA VAL A 218 -8.17 -18.12 -22.74
C VAL A 218 -7.20 -17.94 -21.59
N ILE A 219 -6.13 -17.18 -21.83
CA ILE A 219 -5.13 -16.94 -20.78
C ILE A 219 -5.63 -15.87 -19.81
N TRP A 220 -5.62 -16.23 -18.54
CA TRP A 220 -5.72 -15.27 -17.44
C TRP A 220 -4.28 -15.06 -17.13
N ASP A 221 -3.73 -13.89 -17.43
CA ASP A 221 -2.31 -13.64 -17.24
C ASP A 221 -2.01 -12.83 -15.97
N ASN A 222 -1.29 -13.45 -15.05
CA ASN A 222 -0.89 -12.82 -13.79
C ASN A 222 0.45 -12.11 -13.84
N ILE A 223 1.04 -12.02 -15.02
CA ILE A 223 2.37 -11.42 -15.19
C ILE A 223 2.55 -10.08 -14.47
N HIS A 224 1.55 -9.21 -14.45
CA HIS A 224 1.66 -7.90 -13.76
C HIS A 224 0.88 -7.81 -12.44
N ALA A 225 0.28 -8.89 -11.99
CA ALA A 225 -0.39 -8.90 -10.70
C ALA A 225 0.62 -8.62 -9.59
N ASN A 226 0.22 -7.78 -8.60
CA ASN A 226 1.05 -7.41 -7.44
C ASN A 226 0.36 -7.55 -6.08
N ASP A 227 -0.72 -8.33 -6.05
CA ASP A 227 -1.54 -8.49 -4.85
C ASP A 227 -0.87 -9.35 -3.77
N TYR A 228 0.15 -10.09 -4.16
CA TYR A 228 0.81 -11.07 -3.30
C TYR A 228 2.06 -10.55 -2.57
N ASP A 229 2.29 -9.25 -2.54
CA ASP A 229 3.50 -8.69 -1.93
C ASP A 229 3.34 -7.17 -1.89
N GLN A 230 3.27 -6.70 -0.67
CA GLN A 230 3.06 -5.31 -0.34
C GLN A 230 4.05 -4.42 -1.09
N LYS A 231 5.31 -4.83 -1.14
CA LYS A 231 6.42 -3.99 -1.64
C LYS A 231 6.61 -3.93 -3.16
N ARG A 232 5.86 -4.76 -3.89
CA ARG A 232 6.07 -4.94 -5.31
C ARG A 232 5.08 -4.22 -6.18
N LEU A 233 5.60 -3.68 -7.28
CA LEU A 233 4.87 -3.07 -8.37
C LEU A 233 5.51 -3.42 -9.72
N PHE A 234 4.68 -3.63 -10.74
CA PHE A 234 5.17 -4.07 -12.03
C PHE A 234 4.81 -3.12 -13.18
N LEU A 235 5.82 -2.34 -13.60
CA LEU A 235 5.70 -1.36 -14.67
C LEU A 235 6.44 -1.80 -15.93
N GLY A 236 6.88 -3.05 -15.98
CA GLY A 236 7.63 -3.54 -17.14
C GLY A 236 6.68 -3.98 -18.23
N PRO A 237 7.22 -4.20 -19.43
CA PRO A 237 6.41 -4.57 -20.58
C PRO A 237 5.95 -6.02 -20.57
N TYR A 238 4.85 -6.27 -21.25
CA TYR A 238 4.38 -7.62 -21.49
C TYR A 238 5.51 -8.42 -22.09
N LYS A 239 5.74 -9.62 -21.57
CA LYS A 239 6.96 -10.37 -21.90
C LYS A 239 6.85 -11.85 -21.55
N GLY A 240 7.57 -12.68 -22.29
CA GLY A 240 7.61 -14.14 -22.08
C GLY A 240 6.54 -14.95 -22.83
N ARG A 241 5.79 -14.27 -23.69
CA ARG A 241 4.69 -14.88 -24.39
C ARG A 241 4.87 -14.58 -25.84
N SER A 242 5.13 -15.64 -26.63
CA SER A 242 5.46 -15.48 -28.07
C SER A 242 4.21 -15.05 -28.80
N THR A 243 4.35 -14.21 -29.83
CA THR A 243 3.19 -13.85 -30.68
C THR A 243 2.65 -15.08 -31.42
N GLU A 244 3.46 -16.12 -31.56
CA GLU A 244 3.01 -17.45 -32.00
C GLU A 244 1.89 -18.10 -31.15
N LEU A 245 1.67 -17.62 -29.94
CA LEU A 245 0.57 -18.11 -29.12
C LEU A 245 -0.81 -17.72 -29.64
N ILE A 246 -0.89 -16.56 -30.27
CA ILE A 246 -2.16 -15.96 -30.68
C ILE A 246 -3.04 -16.88 -31.54
N PRO A 247 -2.47 -17.60 -32.54
CA PRO A 247 -3.25 -18.63 -33.26
C PRO A 247 -3.66 -19.83 -32.41
N ARG A 248 -2.85 -20.15 -31.39
CA ARG A 248 -3.15 -21.29 -30.51
C ARG A 248 -4.07 -20.98 -29.32
N LEU A 249 -4.57 -19.75 -29.21
CA LEU A 249 -5.30 -19.33 -28.01
C LEU A 249 -6.62 -18.68 -28.37
N LYS A 250 -7.58 -18.80 -27.47
CA LYS A 250 -8.85 -18.13 -27.66
C LYS A 250 -8.88 -16.67 -27.14
N GLY A 251 -7.95 -16.34 -26.26
CA GLY A 251 -7.82 -14.96 -25.76
C GLY A 251 -6.71 -14.80 -24.74
N VAL A 252 -6.48 -13.54 -24.32
CA VAL A 252 -5.58 -13.20 -23.23
C VAL A 252 -6.17 -12.04 -22.46
N LEU A 253 -6.39 -12.25 -21.16
CA LEU A 253 -6.86 -11.22 -20.24
C LEU A 253 -5.77 -11.03 -19.20
N THR A 254 -5.24 -9.82 -19.01
CA THR A 254 -4.23 -9.59 -17.93
C THR A 254 -4.94 -9.20 -16.67
N ASN A 255 -4.44 -9.79 -15.57
CA ASN A 255 -4.77 -9.46 -14.20
C ASN A 255 -3.62 -8.59 -13.72
N PRO A 256 -3.81 -7.27 -13.68
CA PRO A 256 -2.68 -6.38 -13.47
C PRO A 256 -2.59 -5.85 -12.02
N ASN A 257 -1.82 -4.79 -11.82
CA ASN A 257 -1.55 -4.24 -10.51
C ASN A 257 -2.86 -3.79 -9.86
N CYS A 258 -2.98 -3.96 -8.55
CA CYS A 258 -4.07 -3.38 -7.75
C CYS A 258 -4.22 -1.85 -7.89
N GLU A 259 -3.11 -1.15 -8.04
CA GLU A 259 -3.15 0.30 -8.09
C GLU A 259 -3.48 0.66 -9.52
N PHE A 260 -4.68 1.18 -9.72
CA PHE A 260 -5.22 1.40 -11.06
C PHE A 260 -4.28 2.18 -12.00
N GLU A 261 -3.88 3.37 -11.62
CA GLU A 261 -3.04 4.19 -12.47
C GLU A 261 -1.70 3.60 -12.84
N ALA A 262 -1.21 2.61 -12.08
CA ALA A 262 0.06 1.95 -12.39
C ALA A 262 0.04 0.99 -13.57
N ASN A 263 -1.13 0.80 -14.20
CA ASN A 263 -1.28 -0.18 -15.29
C ASN A 263 -1.23 0.34 -16.71
N TYR A 264 -0.71 1.53 -16.90
CA TYR A 264 -0.60 2.12 -18.23
C TYR A 264 0.32 1.23 -19.09
N VAL A 265 1.54 1.01 -18.62
CA VAL A 265 2.48 0.18 -19.33
C VAL A 265 1.95 -1.26 -19.54
N ALA A 266 1.38 -1.81 -18.48
CA ALA A 266 1.00 -3.19 -18.49
C ALA A 266 -0.05 -3.46 -19.58
N ILE A 267 -0.95 -2.48 -19.80
CA ILE A 267 -2.05 -2.64 -20.74
C ILE A 267 -1.72 -2.13 -22.15
N HIS A 268 -1.03 -1.00 -22.24
CA HIS A 268 -0.54 -0.49 -23.53
C HIS A 268 0.32 -1.55 -24.23
N THR A 269 1.20 -2.22 -23.48
CA THR A 269 2.12 -3.18 -24.09
C THR A 269 1.41 -4.48 -24.43
N LEU A 270 0.38 -4.85 -23.68
CA LEU A 270 -0.44 -5.97 -24.11
C LEU A 270 -1.05 -5.66 -25.47
N ALA A 271 -1.54 -4.43 -25.62
CA ALA A 271 -2.20 -4.00 -26.85
C ALA A 271 -1.22 -4.05 -28.02
N THR A 272 -0.08 -3.38 -27.82
CA THR A 272 0.99 -3.45 -28.78
C THR A 272 1.27 -4.88 -29.19
N TRP A 273 1.35 -5.81 -28.25
CA TRP A 273 1.65 -7.20 -28.56
C TRP A 273 0.53 -7.87 -29.34
N TYR A 274 -0.70 -7.57 -28.98
CA TYR A 274 -1.86 -8.05 -29.74
C TYR A 274 -1.87 -7.62 -31.23
N LYS A 275 -1.38 -6.43 -31.53
CA LYS A 275 -1.52 -5.81 -32.84
C LYS A 275 -0.33 -6.16 -33.74
N SER A 276 0.71 -6.79 -33.20
CA SER A 276 1.81 -7.22 -34.00
C SER A 276 1.51 -8.60 -34.62
N LEU A 315 8.95 -9.68 -34.67
CA LEU A 315 7.54 -9.26 -34.66
C LEU A 315 7.06 -8.38 -33.45
N TYR A 316 7.37 -8.75 -32.19
CA TYR A 316 7.10 -7.90 -31.00
C TYR A 316 8.37 -7.75 -30.18
N SER A 317 8.71 -6.52 -29.80
CA SER A 317 9.90 -6.26 -28.98
C SER A 317 9.51 -5.62 -27.66
N PRO A 318 9.68 -6.34 -26.55
CA PRO A 318 9.34 -5.78 -25.24
C PRO A 318 9.92 -4.39 -24.98
N GLN A 319 11.19 -4.20 -25.35
CA GLN A 319 11.95 -2.99 -25.06
C GLN A 319 11.39 -1.78 -25.86
N MET A 320 11.00 -2.05 -27.11
CA MET A 320 10.38 -1.07 -27.97
C MET A 320 8.97 -0.77 -27.53
N ALA A 321 8.24 -1.78 -27.03
CA ALA A 321 6.86 -1.56 -26.53
C ALA A 321 6.85 -0.67 -25.28
N LEU A 322 7.82 -0.90 -24.38
CA LEU A 322 8.01 -0.06 -23.19
C LEU A 322 8.26 1.41 -23.57
N LYS A 323 9.16 1.63 -24.52
CA LYS A 323 9.44 2.98 -25.02
C LYS A 323 8.18 3.68 -25.54
N LEU A 324 7.41 2.97 -26.36
CA LEU A 324 6.16 3.50 -26.90
C LEU A 324 5.24 3.86 -25.76
N ALA A 325 5.08 2.94 -24.82
CA ALA A 325 4.20 3.14 -23.68
C ALA A 325 4.68 4.24 -22.71
N LEU A 326 5.96 4.28 -22.37
CA LEU A 326 6.48 5.34 -21.48
C LEU A 326 6.39 6.73 -22.12
N THR A 327 6.73 6.82 -23.39
CA THR A 327 6.61 8.03 -24.17
C THR A 327 5.18 8.60 -24.13
N GLU A 328 4.19 7.73 -24.29
CA GLU A 328 2.78 8.16 -24.27
C GLU A 328 2.30 8.53 -22.87
N TRP A 329 2.81 7.80 -21.88
CA TRP A 329 2.43 7.99 -20.50
C TRP A 329 2.89 9.35 -19.99
N LEU A 330 4.08 9.77 -20.42
CA LEU A 330 4.66 11.05 -20.02
C LEU A 330 3.72 12.22 -20.18
N GLN A 331 2.89 12.17 -21.20
CA GLN A 331 1.95 13.24 -21.46
C GLN A 331 0.89 13.35 -20.38
N GLU A 332 0.55 12.25 -19.72
CA GLU A 332 -0.44 12.26 -18.61
C GLU A 332 0.00 12.94 -17.31
N PHE A 333 1.28 13.28 -17.20
CA PHE A 333 1.88 13.91 -15.99
C PHE A 333 2.10 15.42 -16.18
N GLY A 334 1.17 16.28 -15.79
CA GLY A 334 1.36 17.73 -15.99
C GLY A 334 2.29 18.35 -14.97
N VAL A 335 2.56 19.64 -15.14
CA VAL A 335 2.88 20.55 -14.03
C VAL A 335 1.54 21.16 -13.66
N PRO A 336 1.33 21.60 -12.40
CA PRO A 336 0.01 22.23 -12.12
C PRO A 336 -0.06 23.60 -12.71
N HIS A 337 -1.26 24.05 -13.06
CA HIS A 337 -1.49 25.45 -13.52
C HIS A 337 -1.15 26.43 -12.40
N GLN A 338 -0.48 27.52 -12.72
CA GLN A 338 -0.07 28.52 -11.70
C GLN A 338 -0.27 29.96 -12.14
N TYR A 339 -0.99 30.69 -11.28
CA TYR A 339 -1.36 32.06 -11.51
C TYR A 339 -0.61 32.94 -10.54
N SER A 340 0.13 32.39 -9.58
CA SER A 340 1.00 33.18 -8.68
C SER A 340 2.32 32.47 -8.63
N SER A 341 3.43 33.16 -8.84
CA SER A 341 4.76 32.49 -8.67
C SER A 341 5.93 33.44 -8.42
N ARG A 342 6.98 32.93 -7.75
CA ARG A 342 8.13 33.76 -7.35
C ARG A 342 9.00 34.03 -8.56
N SER A 352 7.40 18.70 -15.61
CA SER A 352 8.72 18.66 -14.99
C SER A 352 9.24 17.22 -14.76
N VAL A 353 8.36 16.21 -14.69
CA VAL A 353 8.76 14.80 -14.84
C VAL A 353 9.20 14.53 -16.28
N THR A 354 10.41 13.98 -16.46
CA THR A 354 10.98 13.65 -17.79
C THR A 354 10.74 12.16 -18.19
N LEU A 355 11.08 11.80 -19.43
CA LEU A 355 11.03 10.40 -19.86
C LEU A 355 12.10 9.56 -19.16
N GLU A 356 13.23 10.17 -18.84
CA GLU A 356 14.32 9.48 -18.16
C GLU A 356 13.86 9.07 -16.76
N ASP A 357 13.03 9.92 -16.13
CA ASP A 357 12.47 9.61 -14.82
C ASP A 357 11.62 8.39 -14.88
N LEU A 358 10.73 8.33 -15.89
CA LEU A 358 9.86 7.17 -16.04
C LEU A 358 10.64 5.92 -16.38
N GLN A 359 11.71 6.04 -17.14
CA GLN A 359 12.50 4.88 -17.50
C GLN A 359 13.16 4.31 -16.24
N LEU A 360 13.66 5.19 -15.38
CA LEU A 360 14.24 4.77 -14.10
C LEU A 360 13.20 4.05 -13.23
N LEU A 361 12.05 4.70 -13.08
CA LEU A 361 10.95 4.16 -12.29
C LEU A 361 10.51 2.77 -12.74
N ALA A 362 10.36 2.58 -14.06
CA ALA A 362 9.94 1.30 -14.59
C ALA A 362 11.01 0.23 -14.40
N ASP A 363 12.29 0.61 -14.49
CA ASP A 363 13.38 -0.33 -14.32
C ASP A 363 13.50 -0.74 -12.84
N LEU A 364 13.13 0.15 -11.91
CA LEU A 364 13.09 -0.19 -10.48
C LEU A 364 11.91 -1.08 -10.11
N PHE A 365 10.76 -0.89 -10.76
CA PHE A 365 9.56 -1.68 -10.51
C PHE A 365 9.14 -2.29 -11.83
N TYR A 366 9.80 -3.39 -12.21
CA TYR A 366 9.74 -3.90 -13.59
C TYR A 366 8.84 -5.14 -13.76
N LEU A 367 9.40 -6.35 -13.57
CA LEU A 367 8.64 -7.57 -13.72
C LEU A 367 8.98 -8.57 -12.59
N PRO A 368 8.13 -9.62 -12.38
CA PRO A 368 8.33 -10.49 -11.22
C PRO A 368 9.62 -11.32 -11.20
N TYR A 369 10.21 -11.60 -12.36
CA TYR A 369 11.40 -12.41 -12.44
C TYR A 369 12.58 -11.64 -13.02
N GLU A 370 12.43 -10.32 -13.13
CA GLU A 370 13.43 -9.50 -13.78
C GLU A 370 13.35 -8.07 -13.33
N HIS A 371 14.51 -7.48 -13.05
CA HIS A 371 14.62 -6.01 -12.85
C HIS A 371 14.99 -5.34 -14.16
N GLY A 372 14.64 -4.07 -14.30
CA GLY A 372 14.99 -3.33 -15.51
C GLY A 372 16.48 -3.03 -15.48
N PRO A 373 17.07 -2.68 -16.64
CA PRO A 373 18.53 -2.49 -16.67
C PRO A 373 19.11 -1.44 -15.68
N LYS A 374 18.50 -0.26 -15.53
CA LYS A 374 19.02 0.69 -14.54
C LYS A 374 18.92 0.19 -13.08
N GLY A 375 18.00 -0.73 -12.80
CA GLY A 375 17.85 -1.28 -11.46
C GLY A 375 18.95 -2.29 -11.19
N ALA A 376 19.11 -3.23 -12.10
CA ALA A 376 20.15 -4.25 -11.98
C ALA A 376 21.57 -3.65 -11.93
N GLN A 377 21.77 -2.56 -12.67
CA GLN A 377 23.06 -1.86 -12.71
C GLN A 377 23.34 -1.27 -11.33
N MET A 378 22.39 -0.60 -10.71
CA MET A 378 22.63 -0.04 -9.39
C MET A 378 22.89 -1.13 -8.38
N LEU A 379 22.28 -2.28 -8.63
CA LEU A 379 22.49 -3.41 -7.74
C LEU A 379 23.89 -3.97 -7.90
N ARG A 380 24.29 -4.32 -9.11
CA ARG A 380 25.65 -4.86 -9.35
C ARG A 380 26.71 -3.91 -8.81
N GLU A 381 26.54 -2.62 -9.08
CA GLU A 381 27.48 -1.59 -8.67
C GLU A 381 27.60 -1.45 -7.13
N PHE A 382 26.46 -1.51 -6.46
CA PHE A 382 26.47 -1.48 -5.02
C PHE A 382 27.10 -2.74 -4.38
N GLN A 383 26.88 -3.90 -5.02
CA GLN A 383 27.49 -5.18 -4.57
C GLN A 383 28.99 -5.08 -4.68
N TRP A 384 29.44 -4.58 -5.82
CA TRP A 384 30.86 -4.38 -6.06
C TRP A 384 31.49 -3.43 -5.05
N LEU A 385 30.84 -2.29 -4.81
CA LEU A 385 31.31 -1.34 -3.80
C LEU A 385 31.40 -1.95 -2.40
N ARG A 386 30.35 -2.61 -1.95
CA ARG A 386 30.38 -3.26 -0.65
C ARG A 386 31.52 -4.31 -0.61
N ALA A 387 31.58 -5.16 -1.63
CA ALA A 387 32.60 -6.24 -1.71
C ALA A 387 34.02 -5.69 -1.66
N ASN A 388 34.28 -4.67 -2.46
CA ASN A 388 35.60 -4.08 -2.56
C ASN A 388 35.84 -2.90 -1.61
N SER A 389 35.11 -2.79 -0.50
CA SER A 389 35.36 -1.69 0.44
C SER A 389 36.62 -1.97 1.31
N SER A 390 37.78 -1.88 0.65
CA SER A 390 39.08 -1.98 1.31
C SER A 390 39.81 -0.76 0.76
N VAL A 391 39.23 0.34 1.26
CA VAL A 391 39.65 1.75 1.25
C VAL A 391 39.47 2.21 2.71
N VAL A 392 39.59 1.27 3.66
CA VAL A 392 39.27 1.50 5.07
C VAL A 392 40.48 2.27 5.63
N SER A 393 40.27 3.04 6.69
CA SER A 393 41.37 3.70 7.37
C SER A 393 42.27 2.60 7.96
N VAL A 394 41.66 1.71 8.75
CA VAL A 394 42.31 0.51 9.27
C VAL A 394 42.61 -0.37 8.06
N ASN A 395 43.74 -0.06 7.41
CA ASN A 395 44.14 -0.73 6.18
C ASN A 395 45.35 -1.59 6.46
N CYS A 396 45.28 -2.85 6.03
CA CYS A 396 46.36 -3.82 6.20
C CYS A 396 46.94 -4.28 4.85
N LYS A 397 46.90 -3.40 3.85
CA LYS A 397 47.54 -3.64 2.55
C LYS A 397 48.35 -2.40 2.19
N GLY A 398 48.91 -1.74 3.20
CA GLY A 398 49.50 -0.40 3.07
C GLY A 398 48.52 0.56 2.40
N LYS A 399 48.42 0.42 1.08
CA LYS A 399 47.41 1.10 0.28
C LYS A 399 47.39 0.48 -1.13
N ASP A 400 46.72 1.16 -2.05
CA ASP A 400 46.98 1.03 -3.47
C ASP A 400 46.47 2.30 -4.18
N SER A 401 47.29 2.89 -5.05
CA SER A 401 46.90 4.10 -5.78
C SER A 401 45.71 3.81 -6.71
N GLU A 402 45.92 2.88 -7.63
CA GLU A 402 45.01 2.65 -8.76
C GLU A 402 43.66 2.06 -8.30
N LYS A 403 43.73 1.07 -7.41
CA LYS A 403 42.53 0.33 -6.94
C LYS A 403 41.59 1.14 -6.04
N ILE A 404 42.16 2.14 -5.36
CA ILE A 404 41.42 3.07 -4.51
C ILE A 404 40.86 4.24 -5.32
N GLU A 405 41.59 4.64 -6.37
CA GLU A 405 41.02 5.60 -7.32
C GLU A 405 39.81 5.01 -8.04
N GLU A 406 39.78 3.70 -8.27
CA GLU A 406 38.66 3.11 -9.02
C GLU A 406 37.43 3.05 -8.12
N TRP A 407 37.66 2.65 -6.87
CA TRP A 407 36.56 2.54 -5.92
C TRP A 407 35.87 3.89 -5.79
N ARG A 408 36.68 4.92 -5.54
CA ARG A 408 36.17 6.28 -5.34
C ARG A 408 35.43 6.75 -6.57
N SER A 409 36.04 6.55 -7.72
CA SER A 409 35.46 6.99 -8.96
C SER A 409 34.08 6.35 -9.14
N ARG A 410 33.99 5.07 -8.83
CA ARG A 410 32.75 4.31 -9.01
C ARG A 410 31.69 4.63 -7.93
N ALA A 411 32.16 5.09 -6.79
CA ALA A 411 31.29 5.54 -5.73
C ALA A 411 30.58 6.83 -6.09
N ALA A 412 31.29 7.78 -6.69
CA ALA A 412 30.70 9.07 -7.09
C ALA A 412 29.65 8.87 -8.16
N LYS A 413 30.02 8.05 -9.14
CA LYS A 413 29.16 7.64 -10.23
C LYS A 413 27.87 6.96 -9.66
N PHE A 414 28.04 6.17 -8.62
CA PHE A 414 26.92 5.53 -7.97
C PHE A 414 26.04 6.51 -7.17
N GLU A 415 26.70 7.38 -6.40
CA GLU A 415 26.04 8.46 -5.70
C GLU A 415 25.26 9.36 -6.62
N GLU A 416 25.70 9.58 -7.86
CA GLU A 416 24.87 10.30 -8.82
C GLU A 416 23.63 9.51 -9.24
N MET A 417 23.76 8.18 -9.38
CA MET A 417 22.62 7.33 -9.72
C MET A 417 21.56 7.43 -8.63
N CYS A 418 21.99 7.42 -7.37
CA CYS A 418 21.09 7.56 -6.25
C CYS A 418 20.33 8.89 -6.32
N GLY A 419 21.04 9.95 -6.72
CA GLY A 419 20.41 11.25 -6.94
C GLY A 419 19.28 11.23 -7.94
N LEU A 420 19.42 10.44 -9.00
CA LEU A 420 18.38 10.34 -10.00
C LEU A 420 17.10 9.73 -9.43
N VAL A 421 17.24 8.83 -8.48
CA VAL A 421 16.07 8.28 -7.78
C VAL A 421 15.37 9.35 -6.95
N MET A 422 16.14 10.11 -6.18
CA MET A 422 15.59 11.20 -5.35
C MET A 422 14.93 12.24 -6.24
N GLY A 423 15.60 12.57 -7.36
CA GLY A 423 15.07 13.52 -8.33
C GLY A 423 13.79 13.08 -8.98
N MET A 424 13.73 11.79 -9.32
CA MET A 424 12.54 11.17 -9.89
C MET A 424 11.35 11.29 -8.94
N PHE A 425 11.59 11.01 -7.66
CA PHE A 425 10.58 11.17 -6.63
C PHE A 425 10.13 12.62 -6.45
N THR A 426 11.08 13.54 -6.38
CA THR A 426 10.78 14.94 -6.20
C THR A 426 9.87 15.43 -7.32
N ARG A 427 10.22 15.17 -8.56
CA ARG A 427 9.44 15.69 -9.70
C ARG A 427 8.08 15.02 -9.83
N LEU A 428 7.98 13.82 -9.35
CA LEU A 428 6.74 13.07 -9.43
C LEU A 428 5.77 13.60 -8.37
N SER A 429 6.30 14.01 -7.22
CA SER A 429 5.48 14.61 -6.15
C SER A 429 5.05 16.05 -6.51
N ASN A 430 5.82 16.70 -7.39
CA ASN A 430 5.41 17.98 -8.00
C ASN A 430 4.49 17.88 -9.19
N CYS A 431 4.08 16.68 -9.60
CA CYS A 431 3.27 16.59 -10.82
C CYS A 431 1.83 16.99 -10.55
N ALA A 432 1.06 17.23 -11.59
CA ALA A 432 -0.31 17.72 -11.45
C ALA A 432 -1.35 16.64 -11.44
N ASN A 433 -1.01 15.43 -11.90
CA ASN A 433 -1.99 14.35 -11.92
C ASN A 433 -1.85 13.55 -10.61
N ARG A 434 -2.67 13.94 -9.64
CA ARG A 434 -2.44 13.53 -8.28
C ARG A 434 -2.89 12.09 -8.13
N THR A 435 -3.91 11.72 -8.90
CA THR A 435 -4.43 10.35 -8.94
C THR A 435 -3.30 9.35 -9.18
N ILE A 436 -2.41 9.68 -10.10
CA ILE A 436 -1.23 8.87 -10.41
C ILE A 436 -0.25 8.90 -9.24
N LEU A 437 0.13 10.08 -8.80
CA LEU A 437 1.01 10.18 -7.62
C LEU A 437 0.54 9.32 -6.44
N TYR A 438 -0.74 9.39 -6.10
CA TYR A 438 -1.24 8.66 -4.95
C TYR A 438 -1.20 7.15 -5.18
N ASP A 439 -1.67 6.69 -6.34
CA ASP A 439 -1.64 5.24 -6.61
C ASP A 439 -0.22 4.64 -6.44
N MET A 440 0.83 5.44 -6.59
CA MET A 440 2.18 4.95 -6.53
C MET A 440 3.01 5.46 -5.38
N TYR A 441 2.43 6.21 -4.47
CA TYR A 441 3.25 7.00 -3.57
C TYR A 441 4.10 6.08 -2.68
N SER A 442 3.48 5.10 -2.05
CA SER A 442 4.24 4.35 -1.06
C SER A 442 5.43 3.65 -1.72
N TYR A 443 5.24 3.13 -2.94
CA TYR A 443 6.30 2.41 -3.64
C TYR A 443 7.47 3.32 -3.98
N VAL A 444 7.15 4.52 -4.47
CA VAL A 444 8.21 5.49 -4.79
C VAL A 444 8.90 5.99 -3.53
N TRP A 445 8.15 6.25 -2.47
CA TRP A 445 8.77 6.71 -1.23
C TRP A 445 9.78 5.71 -0.72
N ASP A 446 9.37 4.46 -0.77
CA ASP A 446 10.13 3.35 -0.21
C ASP A 446 11.50 3.31 -0.88
N ILE A 447 11.49 3.18 -2.22
CA ILE A 447 12.72 3.04 -2.98
C ILE A 447 13.65 4.23 -2.75
N LYS A 448 13.09 5.43 -2.77
CA LYS A 448 13.88 6.63 -2.55
C LYS A 448 14.48 6.63 -1.12
N SER A 449 13.73 6.27 -0.10
CA SER A 449 14.27 6.27 1.26
C SER A 449 15.39 5.28 1.40
N ILE A 450 15.24 4.11 0.80
CA ILE A 450 16.24 3.06 0.87
C ILE A 450 17.47 3.43 0.05
N MET A 451 17.31 4.00 -1.15
CA MET A 451 18.45 4.47 -1.92
C MET A 451 19.19 5.58 -1.15
N SER A 452 18.43 6.39 -0.45
CA SER A 452 18.99 7.48 0.33
C SER A 452 19.91 6.96 1.41
N MET A 453 19.49 5.86 2.03
CA MET A 453 20.26 5.19 3.04
C MET A 453 21.42 4.41 2.40
N VAL A 454 21.23 3.88 1.20
CA VAL A 454 22.33 3.21 0.48
C VAL A 454 23.41 4.21 0.09
N LYS A 455 23.01 5.41 -0.33
CA LYS A 455 23.96 6.46 -0.64
C LYS A 455 24.83 6.84 0.57
N SER A 456 24.15 6.98 1.71
CA SER A 456 24.85 7.22 2.98
C SER A 456 25.82 6.14 3.28
N PHE A 457 25.36 4.89 3.15
CA PHE A 457 26.18 3.76 3.53
C PHE A 457 27.44 3.72 2.68
N VAL A 458 27.31 3.95 1.39
CA VAL A 458 28.49 4.03 0.53
C VAL A 458 29.40 5.18 0.98
N GLN A 459 28.82 6.37 1.20
CA GLN A 459 29.59 7.49 1.73
C GLN A 459 30.36 7.09 2.99
N TRP A 460 29.66 6.42 3.92
CA TRP A 460 30.22 5.98 5.19
C TRP A 460 31.43 5.09 5.02
N LEU A 461 31.36 4.14 4.08
CA LEU A 461 32.47 3.28 3.73
C LEU A 461 33.71 4.06 3.32
N GLY A 462 33.59 5.04 2.43
CA GLY A 462 34.66 6.06 2.28
C GLY A 462 34.77 6.80 3.62
N ALA A 480 15.80 -0.99 11.59
CA ALA A 480 15.95 -1.64 12.90
C ALA A 480 14.70 -2.46 13.31
N PHE A 481 13.52 -1.88 13.09
CA PHE A 481 12.22 -2.55 13.26
C PHE A 481 11.55 -2.63 11.87
N ARG A 482 12.36 -2.50 10.82
CA ARG A 482 11.88 -2.07 9.49
C ARG A 482 11.23 -3.20 8.67
N GLY A 483 9.99 -3.02 8.20
CA GLY A 483 9.10 -4.15 7.89
C GLY A 483 8.19 -4.63 9.03
N GLY A 484 8.46 -4.18 10.25
CA GLY A 484 7.66 -4.57 11.39
C GLY A 484 7.88 -6.01 11.78
N LEU A 485 6.83 -6.60 12.34
CA LEU A 485 6.88 -7.97 12.80
C LEU A 485 7.08 -8.90 11.63
N ALA A 486 6.36 -8.67 10.56
CA ALA A 486 6.48 -9.47 9.34
C ALA A 486 7.93 -9.49 8.89
N GLY A 487 8.52 -8.31 8.80
CA GLY A 487 9.95 -8.17 8.52
C GLY A 487 10.85 -9.01 9.41
N GLU A 488 10.52 -9.11 10.70
CA GLU A 488 11.39 -9.80 11.65
C GLU A 488 11.32 -11.29 11.47
N PHE A 489 10.11 -11.81 11.26
CA PHE A 489 9.93 -13.23 10.93
C PHE A 489 10.56 -13.60 9.62
N GLN A 490 10.53 -12.68 8.67
CA GLN A 490 11.13 -12.89 7.37
C GLN A 490 12.62 -13.04 7.45
N ARG A 491 13.28 -12.16 8.20
CA ARG A 491 14.72 -12.24 8.34
C ARG A 491 15.19 -13.58 8.93
N LEU A 492 14.35 -14.18 9.75
CA LEU A 492 14.64 -15.45 10.38
C LEU A 492 14.48 -16.66 9.46
N LEU A 493 13.71 -16.55 8.39
CA LEU A 493 13.66 -17.62 7.39
C LEU A 493 14.92 -17.52 6.56
N PRO A 494 15.46 -18.68 6.10
CA PRO A 494 16.80 -18.68 5.60
C PRO A 494 16.69 -18.79 4.08
N ILE A 495 15.57 -18.36 3.51
CA ILE A 495 15.40 -18.29 2.07
C ILE A 495 15.00 -16.84 1.73
N ASP A 496 15.50 -15.92 2.56
CA ASP A 496 15.08 -14.52 2.62
C ASP A 496 15.59 -13.79 1.39
N GLY A 497 16.87 -13.96 1.09
CA GLY A 497 17.46 -13.34 -0.10
C GLY A 497 17.89 -14.42 -1.05
N ALA A 498 17.08 -15.47 -1.14
CA ALA A 498 17.44 -16.68 -1.86
C ALA A 498 17.37 -16.56 -3.41
N ASN A 499 16.70 -15.53 -3.93
CA ASN A 499 16.61 -15.28 -5.38
C ASN A 499 17.31 -13.98 -5.78
N ASP A 500 18.18 -13.48 -4.89
CA ASP A 500 18.99 -12.26 -5.12
C ASP A 500 20.13 -12.46 -6.08
N LEU A 501 20.54 -11.36 -6.73
CA LEU A 501 21.55 -11.40 -7.78
C LEU A 501 22.93 -11.48 -7.15
N HIS B 1 -8.49 27.34 26.47
CA HIS B 1 -8.57 25.85 26.73
C HIS B 1 -7.41 25.01 26.14
N PHE B 2 -7.61 23.70 25.96
CA PHE B 2 -6.55 22.74 25.64
C PHE B 2 -6.92 21.94 24.39
N LEU B 3 -5.98 21.81 23.46
CA LEU B 3 -6.28 21.22 22.15
C LEU B 3 -5.99 19.74 22.14
N CYS B 4 -6.99 18.94 21.85
CA CYS B 4 -6.74 17.53 21.73
C CYS B 4 -7.49 16.99 20.55
N GLY B 5 -6.78 16.33 19.64
CA GLY B 5 -7.44 15.65 18.53
C GLY B 5 -6.45 15.07 17.55
N VAL B 6 -6.76 15.23 16.26
CA VAL B 6 -6.01 14.64 15.16
C VAL B 6 -5.43 15.72 14.26
N VAL B 7 -4.17 15.54 13.84
CA VAL B 7 -3.61 16.25 12.67
C VAL B 7 -3.57 15.30 11.47
N GLU B 8 -4.09 15.73 10.32
CA GLU B 8 -3.92 14.99 9.07
C GLU B 8 -2.65 15.57 8.52
N GLY B 9 -1.53 14.98 8.94
CA GLY B 9 -0.20 15.60 8.75
C GLY B 9 0.83 14.73 8.03
N PHE B 10 0.37 13.70 7.32
CA PHE B 10 1.24 12.67 6.76
C PHE B 10 1.43 12.76 5.22
N TYR B 11 2.52 12.16 4.76
CA TYR B 11 2.81 12.09 3.32
C TYR B 11 1.95 11.01 2.69
N GLY B 12 1.55 11.20 1.44
CA GLY B 12 0.78 10.19 0.71
C GLY B 12 -0.61 10.60 0.40
N ARG B 13 -1.40 9.64 -0.08
CA ARG B 13 -2.81 9.88 -0.41
C ARG B 13 -3.47 10.52 0.79
N PRO B 14 -4.02 11.74 0.64
CA PRO B 14 -4.74 12.31 1.78
C PRO B 14 -6.10 11.71 1.90
N TRP B 15 -6.71 11.92 3.06
CA TRP B 15 -8.08 11.48 3.28
C TRP B 15 -9.07 12.30 2.46
N VAL B 16 -10.20 11.70 2.20
CA VAL B 16 -11.25 12.29 1.38
C VAL B 16 -12.25 12.95 2.32
N MET B 17 -13.13 13.77 1.74
CA MET B 17 -14.00 14.62 2.56
C MET B 17 -15.03 13.78 3.35
N GLU B 18 -15.58 12.73 2.76
CA GLU B 18 -16.47 11.80 3.49
C GLU B 18 -15.76 11.24 4.72
N GLN B 19 -14.45 10.94 4.58
CA GLN B 19 -13.64 10.37 5.68
C GLN B 19 -13.43 11.43 6.77
N ARG B 20 -13.08 12.64 6.37
CA ARG B 20 -12.94 13.74 7.33
C ARG B 20 -14.23 14.08 8.11
N LYS B 21 -15.39 13.90 7.49
CA LYS B 21 -16.66 14.17 8.16
C LYS B 21 -16.87 13.09 9.20
N GLU B 22 -16.72 11.84 8.80
CA GLU B 22 -16.75 10.72 9.71
C GLU B 22 -15.73 10.88 10.84
N LEU B 23 -14.59 11.49 10.55
CA LEU B 23 -13.62 11.81 11.59
C LEU B 23 -14.16 12.77 12.64
N PHE B 24 -14.83 13.82 12.18
CA PHE B 24 -15.36 14.82 13.09
C PHE B 24 -16.44 14.23 13.99
N ARG B 25 -17.28 13.39 13.41
CA ARG B 25 -18.24 12.58 14.17
C ARG B 25 -17.56 11.92 15.36
N ARG B 26 -16.46 11.21 15.07
CA ARG B 26 -15.75 10.39 16.07
C ARG B 26 -15.04 11.22 17.12
N LEU B 27 -14.41 12.32 16.71
CA LEU B 27 -13.77 13.19 17.70
C LEU B 27 -14.80 13.69 18.73
N GLN B 28 -16.00 14.02 18.27
CA GLN B 28 -17.06 14.50 19.12
C GLN B 28 -17.57 13.36 20.00
N LYS B 29 -17.95 12.25 19.37
CA LYS B 29 -18.29 11.00 20.10
C LYS B 29 -17.37 10.79 21.28
N TRP B 30 -16.07 11.00 21.10
CA TRP B 30 -15.08 10.73 22.13
C TRP B 30 -14.56 11.96 22.87
N GLU B 31 -15.17 13.11 22.67
CA GLU B 31 -14.89 14.34 23.43
C GLU B 31 -13.55 14.97 23.13
N LEU B 32 -13.04 14.71 21.93
CA LEU B 32 -11.93 15.50 21.42
C LEU B 32 -12.50 16.74 20.73
N ASN B 33 -11.64 17.74 20.52
CA ASN B 33 -12.08 19.07 20.10
C ASN B 33 -11.37 19.71 18.87
N THR B 34 -10.29 19.14 18.34
CA THR B 34 -9.49 19.80 17.29
C THR B 34 -9.13 18.91 16.08
N TYR B 35 -9.00 19.55 14.91
CA TYR B 35 -8.44 18.95 13.68
C TYR B 35 -7.49 19.93 13.05
N LEU B 36 -6.26 19.50 12.80
CA LEU B 36 -5.27 20.32 12.05
C LEU B 36 -5.13 19.73 10.64
N TYR B 37 -5.46 20.54 9.63
CA TYR B 37 -5.32 20.16 8.22
C TYR B 37 -3.90 20.52 7.77
N ALA B 38 -3.10 19.49 7.54
CA ALA B 38 -1.74 19.67 7.01
C ALA B 38 -1.23 18.44 6.25
N PRO B 39 -2.05 17.90 5.29
CA PRO B 39 -1.59 16.73 4.53
C PRO B 39 -0.47 17.16 3.59
N LYS B 40 0.68 16.49 3.67
CA LYS B 40 1.90 16.99 3.05
C LYS B 40 1.78 17.08 1.51
N ASP B 41 0.85 16.32 0.95
CA ASP B 41 0.77 16.09 -0.44
C ASP B 41 -0.61 16.49 -1.01
N ASP B 42 -1.37 17.34 -0.33
CA ASP B 42 -2.30 18.23 -1.03
C ASP B 42 -1.34 19.28 -1.58
N TYR B 43 -1.28 19.39 -2.90
CA TYR B 43 -0.32 20.27 -3.57
C TYR B 43 -0.34 21.73 -3.12
N LYS B 44 -1.53 22.25 -2.78
CA LYS B 44 -1.67 23.65 -2.40
C LYS B 44 -1.41 23.91 -0.93
N HIS B 45 -1.30 22.85 -0.13
CA HIS B 45 -0.83 22.98 1.25
C HIS B 45 0.65 23.30 1.30
N ARG B 46 1.43 22.70 0.39
CA ARG B 46 2.89 22.80 0.47
C ARG B 46 3.64 23.11 -0.81
N MET B 47 3.47 22.27 -1.82
CA MET B 47 4.34 22.35 -2.97
C MET B 47 4.04 23.61 -3.77
N PHE B 48 2.75 23.85 -3.96
CA PHE B 48 2.26 25.00 -4.73
C PHE B 48 1.34 25.78 -3.80
N TRP B 49 1.96 26.23 -2.71
CA TRP B 49 1.28 26.95 -1.61
C TRP B 49 0.86 28.38 -1.93
N ARG B 50 1.50 28.99 -2.93
CA ARG B 50 1.11 30.32 -3.42
C ARG B 50 -0.25 30.31 -4.09
N GLU B 51 -0.66 29.16 -4.64
CA GLU B 51 -1.83 29.06 -5.46
C GLU B 51 -3.12 29.07 -4.69
N MET B 52 -4.07 29.91 -5.13
CA MET B 52 -5.42 29.96 -4.60
C MET B 52 -6.14 28.68 -5.00
N TYR B 53 -7.11 28.28 -4.20
CA TYR B 53 -7.95 27.13 -4.48
C TYR B 53 -8.90 27.47 -5.63
N SER B 54 -9.17 26.50 -6.49
CA SER B 54 -10.11 26.69 -7.58
C SER B 54 -11.51 26.66 -7.02
N VAL B 55 -12.47 27.04 -7.87
CA VAL B 55 -13.86 27.13 -7.47
C VAL B 55 -14.37 25.81 -6.93
N GLU B 56 -14.03 24.69 -7.60
CA GLU B 56 -14.53 23.39 -7.12
C GLU B 56 -13.79 22.94 -5.87
N GLU B 57 -12.53 23.35 -5.73
CA GLU B 57 -11.79 23.11 -4.50
C GLU B 57 -12.34 23.93 -3.33
N ALA B 58 -12.60 25.22 -3.58
CA ALA B 58 -13.22 26.08 -2.57
C ALA B 58 -14.57 25.56 -2.08
N GLU B 59 -15.37 25.02 -2.98
CA GLU B 59 -16.68 24.47 -2.62
C GLU B 59 -16.53 23.30 -1.61
N GLN B 60 -15.48 22.50 -1.77
CA GLN B 60 -15.22 21.35 -0.89
C GLN B 60 -14.67 21.78 0.47
N LEU B 61 -13.76 22.75 0.51
CA LEU B 61 -13.29 23.25 1.79
C LEU B 61 -14.38 23.92 2.63
N MET B 62 -15.21 24.74 2.02
CA MET B 62 -16.29 25.42 2.75
C MET B 62 -17.21 24.36 3.29
N THR B 63 -17.61 23.42 2.45
CA THR B 63 -18.43 22.29 2.88
C THR B 63 -17.80 21.51 4.07
N LEU B 64 -16.47 21.37 4.06
CA LEU B 64 -15.72 20.67 5.13
C LEU B 64 -15.60 21.48 6.41
N ILE B 65 -15.17 22.72 6.28
CA ILE B 65 -15.07 23.63 7.42
C ILE B 65 -16.41 23.78 8.19
N SER B 66 -17.52 23.64 7.48
CA SER B 66 -18.84 23.74 8.07
C SER B 66 -19.31 22.46 8.74
N ALA B 67 -18.87 21.31 8.24
CA ALA B 67 -19.06 20.06 8.97
C ALA B 67 -18.29 20.09 10.31
N ALA B 68 -17.11 20.74 10.31
CA ALA B 68 -16.33 20.89 11.54
C ALA B 68 -17.09 21.67 12.57
N ARG B 69 -17.71 22.76 12.13
CA ARG B 69 -18.51 23.60 13.02
C ARG B 69 -19.77 22.84 13.44
N GLU B 70 -20.49 22.29 12.47
CA GLU B 70 -21.62 21.38 12.75
C GLU B 70 -21.31 20.37 13.88
N TYR B 71 -20.09 19.82 13.91
CA TYR B 71 -19.68 18.79 14.89
C TYR B 71 -18.84 19.31 16.09
N GLU B 72 -18.75 20.63 16.22
CA GLU B 72 -18.06 21.33 17.33
C GLU B 72 -16.59 21.00 17.46
N ILE B 73 -16.00 20.66 16.31
CA ILE B 73 -14.57 20.46 16.18
C ILE B 73 -13.98 21.73 15.57
N GLU B 74 -12.94 22.23 16.20
CA GLU B 74 -12.18 23.38 15.72
C GLU B 74 -11.38 22.97 14.50
N PHE B 75 -11.32 23.83 13.50
CA PHE B 75 -10.62 23.53 12.26
C PHE B 75 -9.41 24.45 12.09
N ILE B 76 -8.20 23.88 12.10
CA ILE B 76 -7.00 24.70 11.93
C ILE B 76 -6.37 24.45 10.54
N TYR B 77 -6.20 25.52 9.76
CA TYR B 77 -5.68 25.44 8.41
C TYR B 77 -4.20 25.63 8.49
N ALA B 78 -3.43 24.64 8.01
CA ALA B 78 -1.97 24.80 7.97
C ALA B 78 -1.45 25.08 6.55
N ILE B 79 -0.31 25.74 6.50
CA ILE B 79 0.37 26.08 5.25
C ILE B 79 1.89 25.89 5.50
N SER B 80 2.56 25.28 4.53
CA SER B 80 3.98 24.93 4.63
C SER B 80 4.67 25.58 3.47
N PRO B 81 5.13 26.83 3.65
CA PRO B 81 5.79 27.58 2.62
C PRO B 81 7.32 27.53 2.68
N GLY B 82 7.86 26.78 3.63
CA GLY B 82 9.28 26.81 3.95
C GLY B 82 10.28 26.52 2.85
N LEU B 83 9.88 25.71 1.88
CA LEU B 83 10.84 25.21 0.87
C LEU B 83 11.55 26.29 0.06
N ASP B 84 10.75 27.15 -0.58
CA ASP B 84 11.26 28.06 -1.59
C ASP B 84 10.89 29.52 -1.38
N ILE B 85 10.24 29.84 -0.27
CA ILE B 85 9.80 31.23 0.00
C ILE B 85 10.99 32.17 0.21
N THR B 86 10.91 33.38 -0.33
CA THR B 86 11.87 34.44 -0.03
C THR B 86 11.19 35.27 1.06
N PHE B 87 11.76 35.25 2.25
CA PHE B 87 11.15 35.86 3.43
C PHE B 87 11.13 37.38 3.34
N SER B 88 12.16 37.98 2.74
CA SER B 88 12.24 39.45 2.65
C SER B 88 11.46 40.11 1.50
N ASN B 89 11.16 39.35 0.43
CA ASN B 89 10.34 39.90 -0.67
C ASN B 89 8.85 40.04 -0.24
N PRO B 90 8.31 41.28 -0.21
CA PRO B 90 6.94 41.50 0.22
C PRO B 90 5.87 40.98 -0.72
N LYS B 91 6.22 40.65 -1.96
CA LYS B 91 5.27 39.95 -2.84
C LYS B 91 5.00 38.55 -2.31
N GLU B 92 6.08 37.89 -1.89
CA GLU B 92 5.93 36.57 -1.26
C GLU B 92 5.03 36.64 -0.03
N VAL B 93 5.32 37.63 0.82
CA VAL B 93 4.54 37.84 2.06
C VAL B 93 3.06 38.13 1.71
N SER B 94 2.83 39.04 0.77
CA SER B 94 1.47 39.32 0.27
C SER B 94 0.77 38.08 -0.31
N THR B 95 1.53 37.25 -1.03
CA THR B 95 0.97 36.04 -1.63
C THR B 95 0.48 35.10 -0.54
N LEU B 96 1.25 35.04 0.55
CA LEU B 96 0.89 34.20 1.71
C LEU B 96 -0.37 34.75 2.38
N LYS B 97 -0.42 36.06 2.59
CA LYS B 97 -1.62 36.73 3.12
C LYS B 97 -2.85 36.52 2.24
N ARG B 98 -2.70 36.69 0.93
CA ARG B 98 -3.78 36.41 -0.03
C ARG B 98 -4.35 35.01 0.16
N LYS B 99 -3.43 34.04 0.30
CA LYS B 99 -3.81 32.61 0.46
C LYS B 99 -4.59 32.35 1.75
N LEU B 100 -4.14 32.95 2.84
CA LEU B 100 -4.82 32.79 4.13
C LEU B 100 -6.23 33.44 4.13
N ASP B 101 -6.31 34.68 3.62
CA ASP B 101 -7.61 35.36 3.44
C ASP B 101 -8.60 34.44 2.78
N GLN B 102 -8.15 33.80 1.69
CA GLN B 102 -9.01 32.94 0.90
C GLN B 102 -9.65 31.84 1.74
N VAL B 103 -8.84 31.23 2.59
CA VAL B 103 -9.32 30.16 3.44
C VAL B 103 -10.21 30.71 4.56
N SER B 104 -9.82 31.84 5.13
CA SER B 104 -10.68 32.54 6.11
C SER B 104 -12.10 32.80 5.59
N GLN B 105 -12.21 33.28 4.36
CA GLN B 105 -13.52 33.46 3.74
C GLN B 105 -14.27 32.15 3.51
N PHE B 106 -13.61 31.00 3.57
CA PHE B 106 -14.32 29.72 3.58
C PHE B 106 -14.93 29.42 4.94
N GLY B 107 -14.63 30.29 5.92
CA GLY B 107 -15.22 30.24 7.23
C GLY B 107 -14.31 29.64 8.28
N CYS B 108 -13.01 29.80 8.12
CA CYS B 108 -12.03 29.12 8.97
C CYS B 108 -11.38 30.20 9.78
N ARG B 109 -11.35 30.05 11.10
CA ARG B 109 -10.84 31.09 12.01
C ARG B 109 -9.54 30.74 12.72
N SER B 110 -9.05 29.50 12.56
CA SER B 110 -7.75 29.07 13.13
C SER B 110 -6.76 28.65 12.04
N PHE B 111 -5.46 28.85 12.30
CA PHE B 111 -4.39 28.69 11.29
C PHE B 111 -3.07 28.14 11.85
N ALA B 112 -2.20 27.64 10.97
CA ALA B 112 -0.84 27.30 11.35
C ALA B 112 0.18 27.53 10.23
N LEU B 113 1.38 28.01 10.58
CA LEU B 113 2.52 27.99 9.65
C LEU B 113 3.51 26.91 10.04
N LEU B 114 3.78 25.99 9.11
CA LEU B 114 4.74 24.89 9.28
C LEU B 114 6.08 25.16 8.57
N PHE B 115 7.19 25.06 9.31
CA PHE B 115 8.54 25.11 8.74
C PHE B 115 9.33 23.84 9.06
N ASP B 116 8.67 22.68 8.99
CA ASP B 116 9.30 21.43 9.45
C ASP B 116 10.57 21.04 8.71
N ASN B 117 10.48 20.45 7.52
CA ASN B 117 11.61 19.67 7.01
C ASN B 117 12.32 20.44 5.93
N ILE B 118 13.21 21.29 6.39
CA ILE B 118 13.76 22.41 5.67
C ILE B 118 15.21 22.55 6.16
N ASP B 119 16.07 22.99 5.24
CA ASP B 119 17.51 22.71 5.35
C ASP B 119 18.39 23.76 6.08
N HIS B 120 17.79 24.67 6.84
CA HIS B 120 18.52 25.78 7.52
C HIS B 120 19.13 26.77 6.47
N ASN B 121 18.25 27.12 5.55
CA ASN B 121 18.64 27.75 4.27
C ASN B 121 18.12 29.18 4.18
N MET B 122 18.98 30.09 3.72
CA MET B 122 18.54 31.43 3.31
C MET B 122 19.22 31.76 2.00
N CYS B 123 18.54 32.54 1.15
CA CYS B 123 18.90 32.58 -0.27
C CYS B 123 19.98 33.60 -0.56
N ALA B 124 20.29 34.48 0.39
CA ALA B 124 20.88 35.82 0.11
C ALA B 124 19.71 36.69 -0.30
N ALA B 125 19.87 37.99 -0.18
CA ALA B 125 18.73 38.91 -0.09
C ALA B 125 18.08 38.70 1.26
N ASP B 126 17.71 37.47 1.64
CA ASP B 126 17.22 37.17 2.99
C ASP B 126 18.31 37.27 4.06
N LYS B 127 19.54 36.80 3.77
CA LYS B 127 20.60 36.93 4.79
C LYS B 127 21.01 38.40 5.00
N GLU B 128 20.81 39.21 3.96
CA GLU B 128 20.94 40.67 4.06
C GLU B 128 20.02 41.26 5.14
N VAL B 129 18.72 40.92 5.08
CA VAL B 129 17.69 41.53 5.95
C VAL B 129 17.67 40.97 7.38
N PHE B 130 17.76 39.64 7.50
CA PHE B 130 17.56 38.93 8.76
C PHE B 130 18.90 38.37 9.25
N SER B 131 19.12 38.44 10.57
CA SER B 131 20.37 37.97 11.16
C SER B 131 20.47 36.43 11.22
N SER B 132 19.34 35.73 11.23
CA SER B 132 19.34 34.26 11.27
C SER B 132 18.08 33.70 10.64
N PHE B 133 18.10 32.40 10.41
CA PHE B 133 16.96 31.65 9.87
C PHE B 133 15.74 31.79 10.79
N ALA B 134 15.99 31.68 12.09
CA ALA B 134 14.95 31.84 13.10
C ALA B 134 14.27 33.21 13.03
N HIS B 135 15.09 34.28 13.00
CA HIS B 135 14.57 35.65 12.91
C HIS B 135 13.60 35.82 11.73
N ALA B 136 13.97 35.24 10.58
CA ALA B 136 13.17 35.33 9.36
C ALA B 136 11.80 34.67 9.47
N GLN B 137 11.76 33.49 10.07
CA GLN B 137 10.53 32.78 10.30
C GLN B 137 9.59 33.48 11.27
N VAL B 138 10.11 33.90 12.42
CA VAL B 138 9.27 34.64 13.39
C VAL B 138 8.69 35.94 12.80
N SER B 139 9.53 36.68 12.10
CA SER B 139 9.14 37.96 11.51
C SER B 139 7.93 37.86 10.62
N ILE B 140 7.91 36.84 9.76
CA ILE B 140 6.73 36.61 8.94
C ILE B 140 5.60 35.93 9.73
N THR B 141 5.92 35.11 10.71
CA THR B 141 4.87 34.41 11.49
C THR B 141 4.09 35.45 12.32
N ASN B 142 4.82 36.34 12.99
CA ASN B 142 4.23 37.45 13.75
C ASN B 142 3.41 38.36 12.84
N GLU B 143 4.04 38.87 11.79
CA GLU B 143 3.34 39.70 10.82
C GLU B 143 2.01 39.09 10.37
N ILE B 144 2.02 37.80 10.06
CA ILE B 144 0.82 37.11 9.61
C ILE B 144 -0.20 36.94 10.75
N TYR B 145 0.28 36.66 11.97
CA TYR B 145 -0.58 36.59 13.17
C TYR B 145 -1.41 37.85 13.25
N GLN B 146 -0.70 38.98 13.23
CA GLN B 146 -1.30 40.29 13.46
C GLN B 146 -2.23 40.64 12.33
N TYR B 147 -1.74 40.51 11.10
CA TYR B 147 -2.56 40.72 9.91
C TYR B 147 -3.93 39.99 9.91
N LEU B 148 -3.99 38.81 10.50
CA LEU B 148 -5.26 38.08 10.60
C LEU B 148 -6.13 38.47 11.80
N GLY B 149 -5.68 39.43 12.60
CA GLY B 149 -6.42 39.91 13.76
C GLY B 149 -6.19 39.10 15.01
N GLU B 150 -5.00 38.47 15.09
CA GLU B 150 -4.59 37.68 16.24
C GLU B 150 -5.64 36.61 16.60
N PRO B 151 -5.87 35.63 15.71
CA PRO B 151 -7.00 34.69 15.84
C PRO B 151 -6.95 33.80 17.08
N GLU B 152 -8.08 33.13 17.35
CA GLU B 152 -8.22 32.28 18.54
C GLU B 152 -6.96 31.40 18.65
N THR B 153 -6.84 30.42 17.74
CA THR B 153 -5.73 29.47 17.72
C THR B 153 -4.81 29.76 16.53
N PHE B 154 -3.52 29.90 16.80
CA PHE B 154 -2.52 30.07 15.76
C PHE B 154 -1.25 29.28 16.13
N LEU B 155 -0.85 28.33 15.26
CA LEU B 155 0.29 27.42 15.50
C LEU B 155 1.52 27.65 14.59
N PHE B 156 2.70 27.50 15.17
CA PHE B 156 3.97 27.62 14.46
C PHE B 156 4.80 26.38 14.72
N CYS B 157 5.06 25.58 13.68
CA CYS B 157 5.96 24.43 13.80
C CYS B 157 7.36 24.78 13.39
N PRO B 158 8.30 24.72 14.33
CA PRO B 158 9.67 25.13 13.99
C PRO B 158 10.42 24.08 13.15
N THR B 159 11.52 24.51 12.56
CA THR B 159 12.42 23.65 11.85
C THR B 159 13.13 22.69 12.81
N GLU B 160 13.47 23.19 13.98
CA GLU B 160 13.95 22.34 15.06
C GLU B 160 12.78 21.89 15.95
N TYR B 161 12.02 20.94 15.45
CA TYR B 161 10.75 20.53 16.06
C TYR B 161 10.77 19.30 16.99
N CYS B 162 11.97 18.85 17.34
CA CYS B 162 12.11 17.76 18.30
C CYS B 162 13.54 17.71 18.82
N GLY B 163 13.72 17.00 19.91
CA GLY B 163 15.02 16.95 20.60
C GLY B 163 16.22 16.75 19.70
N THR B 164 16.16 15.71 18.87
CA THR B 164 17.33 15.32 18.06
C THR B 164 17.60 16.30 16.91
N PHE B 165 16.59 17.11 16.54
CA PHE B 165 16.74 18.12 15.49
C PHE B 165 17.21 19.46 16.00
N CYS B 166 17.49 19.57 17.30
CA CYS B 166 17.98 20.83 17.88
C CYS B 166 19.52 20.93 17.89
N TYR B 167 20.07 21.92 17.19
CA TYR B 167 21.50 22.13 17.09
C TYR B 167 21.96 23.13 18.15
N PRO B 168 22.95 22.81 19.01
CA PRO B 168 23.54 21.48 19.22
C PRO B 168 22.74 20.60 20.21
N ASN B 169 21.93 21.23 21.05
CA ASN B 169 20.97 20.51 21.88
C ASN B 169 19.76 21.43 22.14
N VAL B 170 18.80 20.93 22.90
CA VAL B 170 17.58 21.65 23.13
C VAL B 170 17.88 22.91 23.93
N SER B 171 18.54 22.75 25.07
CA SER B 171 18.80 23.87 26.01
C SER B 171 19.61 25.03 25.42
N GLN B 172 20.56 24.75 24.51
CA GLN B 172 21.49 25.79 24.01
C GLN B 172 21.26 26.18 22.53
N SER B 173 20.10 25.85 21.97
CA SER B 173 19.84 26.15 20.57
C SER B 173 19.61 27.66 20.33
N PRO B 174 20.53 28.35 19.61
CA PRO B 174 20.22 29.72 19.20
C PRO B 174 18.92 29.87 18.40
N TYR B 175 18.57 28.86 17.59
CA TYR B 175 17.34 28.85 16.84
C TYR B 175 16.17 28.96 17.79
N LEU B 176 16.10 28.03 18.75
CA LEU B 176 14.98 28.01 19.71
C LEU B 176 15.01 29.16 20.72
N ARG B 177 16.20 29.61 21.12
CA ARG B 177 16.32 30.81 21.93
C ARG B 177 15.56 31.97 21.25
N THR B 178 15.82 32.14 19.95
CA THR B 178 15.19 33.18 19.15
C THR B 178 13.68 33.02 19.02
N VAL B 179 13.19 31.80 18.87
CA VAL B 179 11.75 31.57 18.78
C VAL B 179 11.11 31.94 20.12
N GLY B 180 11.67 31.42 21.20
CA GLY B 180 11.19 31.70 22.53
C GLY B 180 11.02 33.18 22.81
N GLU B 181 11.98 33.99 22.37
CA GLU B 181 11.98 35.41 22.67
C GLU B 181 11.08 36.23 21.77
N LYS B 182 11.21 36.05 20.44
CA LYS B 182 10.57 36.95 19.48
C LYS B 182 9.20 36.53 18.96
N LEU B 183 8.83 35.27 19.14
CA LEU B 183 7.52 34.83 18.67
C LEU B 183 6.49 35.36 19.67
N LEU B 184 5.44 35.99 19.13
CA LEU B 184 4.44 36.63 19.97
C LEU B 184 3.74 35.63 20.93
N PRO B 185 3.59 36.01 22.21
CA PRO B 185 3.00 35.18 23.26
C PRO B 185 1.72 34.38 22.95
N GLY B 186 0.87 34.82 22.03
CA GLY B 186 -0.39 34.10 21.71
C GLY B 186 -0.33 33.09 20.56
N ILE B 187 0.84 33.01 19.92
CA ILE B 187 1.13 31.98 18.94
C ILE B 187 1.71 30.78 19.69
N GLU B 188 1.24 29.59 19.34
CA GLU B 188 1.68 28.34 19.96
C GLU B 188 2.74 27.62 19.16
N VAL B 189 3.50 26.78 19.85
CA VAL B 189 4.62 26.06 19.23
C VAL B 189 4.39 24.55 19.25
N LEU B 190 4.49 23.94 18.06
CA LEU B 190 4.33 22.51 17.88
C LEU B 190 5.68 21.82 18.15
N TRP B 191 5.61 20.63 18.74
CA TRP B 191 6.82 19.88 19.18
C TRP B 191 6.50 18.41 19.17
N THR B 192 7.40 17.58 18.65
CA THR B 192 7.08 16.14 18.51
C THR B 192 7.68 15.23 19.58
N GLY B 193 8.48 15.79 20.49
CA GLY B 193 9.05 15.08 21.62
C GLY B 193 10.56 15.03 21.45
N PRO B 194 11.23 14.02 22.04
CA PRO B 194 12.69 13.94 21.88
C PRO B 194 13.09 13.55 20.48
N LYS B 195 12.28 12.74 19.83
CA LYS B 195 12.56 12.32 18.49
C LYS B 195 11.36 12.70 17.62
N VAL B 196 11.47 12.41 16.34
CA VAL B 196 10.39 12.60 15.38
C VAL B 196 9.22 11.66 15.72
N VAL B 197 9.54 10.39 15.97
CA VAL B 197 8.59 9.42 16.48
C VAL B 197 9.08 9.09 17.89
N SER B 198 8.40 9.61 18.90
CA SER B 198 8.93 9.51 20.25
C SER B 198 8.40 8.24 20.86
N LYS B 199 9.31 7.46 21.44
CA LYS B 199 8.94 6.23 22.15
C LYS B 199 8.26 6.61 23.46
N GLU B 200 8.84 7.60 24.13
CA GLU B 200 8.37 8.16 25.38
C GLU B 200 8.53 9.66 25.30
N ILE B 201 7.63 10.42 25.92
CA ILE B 201 7.77 11.88 26.11
C ILE B 201 7.89 12.14 27.61
N PRO B 202 9.12 12.15 28.14
CA PRO B 202 9.25 12.36 29.57
C PRO B 202 8.96 13.81 29.99
N VAL B 203 8.41 13.95 31.20
CA VAL B 203 8.03 15.24 31.75
C VAL B 203 9.18 16.22 31.70
N GLU B 204 10.35 15.78 32.14
CA GLU B 204 11.55 16.65 32.23
C GLU B 204 11.95 17.19 30.88
N SER B 205 11.71 16.42 29.81
CA SER B 205 12.00 16.86 28.44
C SER B 205 11.08 17.99 28.01
N ILE B 206 9.83 17.93 28.48
CA ILE B 206 8.86 19.01 28.26
C ILE B 206 9.12 20.23 29.14
N GLU B 207 9.60 20.04 30.37
CA GLU B 207 10.02 21.18 31.18
C GLU B 207 11.16 21.87 30.47
N GLU B 208 12.11 21.07 29.98
CA GLU B 208 13.33 21.57 29.34
C GLU B 208 13.04 22.40 28.09
N VAL B 209 12.16 21.90 27.23
CA VAL B 209 11.80 22.63 26.01
C VAL B 209 10.97 23.90 26.31
N SER B 210 10.05 23.80 27.29
CA SER B 210 9.17 24.91 27.67
C SER B 210 9.98 26.12 28.15
N LYS B 211 11.00 25.85 28.95
CA LYS B 211 11.93 26.87 29.40
C LYS B 211 12.48 27.63 28.20
N ILE B 212 13.07 26.94 27.23
CA ILE B 212 13.74 27.62 26.09
C ILE B 212 12.77 28.31 25.11
N ILE B 213 11.54 27.82 24.94
CA ILE B 213 10.55 28.48 24.04
C ILE B 213 9.52 29.36 24.77
N LYS B 214 9.72 29.48 26.08
CA LYS B 214 8.98 30.37 26.96
C LYS B 214 7.48 30.12 27.01
N ARG B 215 7.06 28.88 26.73
CA ARG B 215 5.65 28.52 26.81
C ARG B 215 5.43 27.00 26.75
N ALA B 216 4.19 26.60 27.03
CA ALA B 216 3.77 25.22 26.88
C ALA B 216 3.54 24.90 25.38
N PRO B 217 4.18 23.83 24.88
CA PRO B 217 4.02 23.44 23.50
C PRO B 217 2.78 22.57 23.23
N VAL B 218 2.40 22.48 21.96
CA VAL B 218 1.38 21.56 21.51
C VAL B 218 2.12 20.41 20.91
N ILE B 219 1.82 19.21 21.34
CA ILE B 219 2.47 18.02 20.81
C ILE B 219 1.82 17.62 19.49
N TRP B 220 2.66 17.51 18.47
CA TRP B 220 2.31 16.85 17.22
C TRP B 220 2.86 15.47 17.49
N ASP B 221 2.00 14.49 17.69
CA ASP B 221 2.46 13.16 18.07
C ASP B 221 2.47 12.17 16.91
N ASN B 222 3.68 11.71 16.57
CA ASN B 222 3.87 10.76 15.47
C ASN B 222 3.83 9.30 15.90
N ILE B 223 3.46 9.05 17.16
CA ILE B 223 3.40 7.70 17.72
C ILE B 223 2.71 6.69 16.82
N HIS B 224 1.62 7.04 16.15
CA HIS B 224 0.90 6.08 15.29
C HIS B 224 1.07 6.36 13.78
N ALA B 225 1.89 7.31 13.40
CA ALA B 225 2.19 7.54 12.00
C ALA B 225 2.82 6.30 11.37
N ASN B 226 2.40 5.96 10.14
CA ASN B 226 2.94 4.81 9.37
C ASN B 226 3.34 5.11 7.92
N ASP B 227 3.54 6.41 7.63
CA ASP B 227 3.84 6.84 6.26
C ASP B 227 5.28 6.49 5.83
N TYR B 228 6.13 6.17 6.78
CA TYR B 228 7.58 5.99 6.54
C TYR B 228 7.99 4.52 6.35
N ASP B 229 7.03 3.63 6.17
CA ASP B 229 7.32 2.20 6.08
C ASP B 229 6.09 1.50 5.58
N GLN B 230 6.24 1.02 4.37
CA GLN B 230 5.19 0.37 3.59
C GLN B 230 4.51 -0.72 4.44
N LYS B 231 5.32 -1.53 5.13
CA LYS B 231 4.82 -2.74 5.80
C LYS B 231 4.21 -2.57 7.19
N ARG B 232 4.25 -1.35 7.72
CA ARG B 232 3.89 -1.07 9.09
C ARG B 232 2.52 -0.44 9.23
N LEU B 233 1.83 -0.91 10.28
CA LEU B 233 0.58 -0.41 10.76
C LEU B 233 0.56 -0.43 12.29
N PHE B 234 -0.03 0.60 12.89
CA PHE B 234 -0.01 0.75 14.33
C PHE B 234 -1.42 0.79 14.97
N LEU B 235 -1.81 -0.33 15.55
CA LEU B 235 -3.11 -0.52 16.19
C LEU B 235 -2.99 -0.57 17.72
N GLY B 236 -1.82 -0.24 18.26
CA GLY B 236 -1.63 -0.31 19.70
C GLY B 236 -2.14 0.94 20.37
N PRO B 237 -2.22 0.92 21.71
CA PRO B 237 -2.74 2.03 22.47
C PRO B 237 -1.77 3.17 22.61
N TYR B 238 -2.30 4.36 22.79
CA TYR B 238 -1.52 5.53 23.15
C TYR B 238 -0.67 5.17 24.36
N LYS B 239 0.61 5.51 24.31
CA LYS B 239 1.55 5.00 25.32
C LYS B 239 2.82 5.80 25.35
N GLY B 240 3.46 5.83 26.52
CA GLY B 240 4.76 6.50 26.68
C GLY B 240 4.68 7.97 27.07
N ARG B 241 3.48 8.45 27.33
CA ARG B 241 3.23 9.84 27.63
C ARG B 241 2.49 9.85 28.95
N SER B 242 3.12 10.42 29.97
CA SER B 242 2.55 10.50 31.31
C SER B 242 1.34 11.41 31.30
N THR B 243 0.31 11.06 32.09
CA THR B 243 -0.87 11.94 32.25
C THR B 243 -0.47 13.24 32.96
N GLU B 244 0.65 13.24 33.67
CA GLU B 244 1.27 14.47 34.19
C GLU B 244 1.66 15.50 33.14
N LEU B 245 1.74 15.11 31.87
CA LEU B 245 2.07 16.07 30.81
C LEU B 245 0.93 17.03 30.54
N ILE B 246 -0.31 16.59 30.76
CA ILE B 246 -1.51 17.37 30.37
C ILE B 246 -1.52 18.80 30.93
N PRO B 247 -1.19 18.99 32.24
CA PRO B 247 -1.01 20.36 32.77
C PRO B 247 0.17 21.11 32.19
N ARG B 248 1.23 20.40 31.80
CA ARG B 248 2.43 21.03 31.21
C ARG B 248 2.36 21.30 29.70
N LEU B 249 1.23 21.02 29.05
CA LEU B 249 1.13 21.12 27.60
C LEU B 249 -0.06 21.95 27.19
N LYS B 250 0.06 22.61 26.03
CA LYS B 250 -1.07 23.35 25.48
C LYS B 250 -2.02 22.48 24.64
N GLY B 251 -1.53 21.33 24.17
CA GLY B 251 -2.38 20.41 23.44
C GLY B 251 -1.62 19.15 23.01
N VAL B 252 -2.38 18.19 22.45
CA VAL B 252 -1.83 17.02 21.78
C VAL B 252 -2.66 16.72 20.55
N LEU B 253 -2.01 16.73 19.39
CA LEU B 253 -2.62 16.32 18.12
C LEU B 253 -1.89 15.08 17.64
N THR B 254 -2.59 13.94 17.42
CA THR B 254 -1.92 12.76 16.82
C THR B 254 -1.94 12.83 15.32
N ASN B 255 -0.78 12.49 14.73
CA ASN B 255 -0.58 12.26 13.31
C ASN B 255 -0.63 10.76 13.15
N PRO B 256 -1.76 10.20 12.72
CA PRO B 256 -1.93 8.76 12.80
C PRO B 256 -1.72 8.03 11.45
N ASN B 257 -2.19 6.78 11.36
CA ASN B 257 -1.97 5.95 10.19
C ASN B 257 -2.59 6.61 8.96
N CYS B 258 -1.94 6.49 7.80
CA CYS B 258 -2.53 6.89 6.51
C CYS B 258 -3.88 6.19 6.19
N GLU B 259 -4.06 4.96 6.62
CA GLU B 259 -5.26 4.23 6.27
C GLU B 259 -6.30 4.64 7.31
N PHE B 260 -7.30 5.38 6.84
CA PHE B 260 -8.23 6.04 7.74
C PHE B 260 -8.89 5.08 8.76
N GLU B 261 -9.54 4.02 8.29
CA GLU B 261 -10.22 3.12 9.21
C GLU B 261 -9.33 2.42 10.25
N ALA B 262 -8.03 2.38 10.04
CA ALA B 262 -7.10 1.78 11.01
C ALA B 262 -6.82 2.63 12.27
N ASN B 263 -7.41 3.82 12.36
CA ASN B 263 -7.16 4.74 13.47
C ASN B 263 -8.18 4.77 14.62
N TYR B 264 -9.03 3.76 14.69
CA TYR B 264 -10.01 3.64 15.76
C TYR B 264 -9.29 3.58 17.10
N VAL B 265 -8.41 2.58 17.26
CA VAL B 265 -7.67 2.43 18.50
C VAL B 265 -6.79 3.65 18.81
N ALA B 266 -6.14 4.15 17.78
CA ALA B 266 -5.17 5.20 17.98
C ALA B 266 -5.81 6.45 18.55
N ILE B 267 -7.06 6.71 18.15
CA ILE B 267 -7.76 7.94 18.55
C ILE B 267 -8.64 7.71 19.79
N HIS B 268 -9.33 6.58 19.86
CA HIS B 268 -10.08 6.19 21.07
C HIS B 268 -9.19 6.21 22.31
N THR B 269 -7.97 5.69 22.20
CA THR B 269 -7.08 5.60 23.35
C THR B 269 -6.47 6.95 23.68
N LEU B 270 -6.27 7.80 22.68
CA LEU B 270 -5.87 9.16 22.99
C LEU B 270 -6.94 9.82 23.86
N ALA B 271 -8.20 9.61 23.48
CA ALA B 271 -9.35 10.17 24.17
C ALA B 271 -9.42 9.67 25.62
N THR B 272 -9.41 8.36 25.76
CA THR B 272 -9.33 7.73 27.04
C THR B 272 -8.23 8.39 27.90
N TRP B 273 -7.05 8.58 27.33
CA TRP B 273 -5.92 9.14 28.08
C TRP B 273 -6.15 10.59 28.46
N TYR B 274 -6.75 11.36 27.56
CA TYR B 274 -7.15 12.75 27.84
C TYR B 274 -7.99 12.96 29.12
N LYS B 275 -8.75 11.96 29.54
CA LYS B 275 -9.49 12.04 30.83
C LYS B 275 -8.67 11.86 32.15
N TYR B 316 -3.92 6.17 33.97
CA TYR B 316 -4.22 5.63 32.65
C TYR B 316 -3.47 4.32 32.43
N SER B 317 -4.14 3.29 31.95
CA SER B 317 -3.50 2.00 31.70
C SER B 317 -3.63 1.63 30.21
N PRO B 318 -2.52 1.62 29.47
CA PRO B 318 -2.54 1.29 28.07
C PRO B 318 -3.32 0.01 27.73
N GLN B 319 -3.13 -1.05 28.52
CA GLN B 319 -3.73 -2.35 28.17
C GLN B 319 -5.24 -2.36 28.43
N MET B 320 -5.66 -1.62 29.45
CA MET B 320 -7.09 -1.40 29.73
C MET B 320 -7.72 -0.51 28.68
N ALA B 321 -6.99 0.49 28.19
CA ALA B 321 -7.52 1.38 27.12
C ALA B 321 -7.71 0.66 25.80
N LEU B 322 -6.76 -0.23 25.48
CA LEU B 322 -6.87 -1.12 24.31
C LEU B 322 -8.12 -2.00 24.38
N LYS B 323 -8.34 -2.62 25.52
CA LYS B 323 -9.54 -3.45 25.75
C LYS B 323 -10.83 -2.65 25.51
N LEU B 324 -10.90 -1.45 26.08
CA LEU B 324 -12.06 -0.56 25.89
C LEU B 324 -12.26 -0.31 24.41
N ALA B 325 -11.16 0.09 23.76
CA ALA B 325 -11.19 0.43 22.34
C ALA B 325 -11.47 -0.78 21.42
N LEU B 326 -10.84 -1.93 21.66
CA LEU B 326 -11.10 -3.12 20.83
C LEU B 326 -12.51 -3.65 20.98
N THR B 327 -13.00 -3.68 22.22
CA THR B 327 -14.38 -4.04 22.53
C THR B 327 -15.39 -3.19 21.73
N GLU B 328 -15.16 -1.88 21.70
CA GLU B 328 -16.04 -0.93 20.98
C GLU B 328 -15.93 -1.06 19.48
N TRP B 329 -14.71 -1.32 19.01
CA TRP B 329 -14.43 -1.44 17.60
C TRP B 329 -15.12 -2.66 17.00
N LEU B 330 -15.15 -3.75 17.75
CA LEU B 330 -15.73 -5.03 17.28
C LEU B 330 -17.15 -4.86 16.75
N GLN B 331 -17.90 -3.93 17.36
CA GLN B 331 -19.26 -3.70 16.97
C GLN B 331 -19.36 -3.17 15.54
N GLU B 332 -18.36 -2.37 15.13
CA GLU B 332 -18.34 -1.72 13.81
C GLU B 332 -18.12 -2.66 12.62
N PHE B 333 -17.78 -3.92 12.88
CA PHE B 333 -17.57 -4.92 11.84
C PHE B 333 -18.99 -5.40 11.62
N GLY B 334 -19.21 -6.57 11.04
CA GLY B 334 -20.58 -7.18 10.98
C GLY B 334 -21.92 -6.43 11.20
N SER B 352 -17.33 -14.91 11.29
CA SER B 352 -17.62 -13.72 12.08
C SER B 352 -16.46 -13.39 13.03
N VAL B 353 -16.02 -12.13 12.98
CA VAL B 353 -14.81 -11.67 13.66
C VAL B 353 -15.06 -11.55 15.15
N THR B 354 -14.21 -12.19 15.97
CA THR B 354 -14.29 -12.13 17.46
C THR B 354 -13.37 -11.05 18.07
N LEU B 355 -13.49 -10.82 19.36
CA LEU B 355 -12.59 -9.91 20.08
C LEU B 355 -11.17 -10.47 20.15
N GLU B 356 -11.06 -11.79 20.22
CA GLU B 356 -9.76 -12.46 20.29
C GLU B 356 -9.01 -12.23 18.98
N ASP B 357 -9.74 -12.20 17.86
CA ASP B 357 -9.15 -11.92 16.56
C ASP B 357 -8.56 -10.54 16.54
N LEU B 358 -9.32 -9.55 17.02
CA LEU B 358 -8.81 -8.17 17.05
C LEU B 358 -7.65 -8.03 18.00
N GLN B 359 -7.65 -8.77 19.10
CA GLN B 359 -6.54 -8.69 20.05
C GLN B 359 -5.28 -9.20 19.39
N LEU B 360 -5.38 -10.29 18.64
CA LEU B 360 -4.25 -10.84 17.89
C LEU B 360 -3.74 -9.82 16.87
N LEU B 361 -4.67 -9.30 16.07
CA LEU B 361 -4.36 -8.31 15.05
C LEU B 361 -3.65 -7.07 15.58
N ALA B 362 -4.11 -6.54 16.71
CA ALA B 362 -3.46 -5.38 17.33
C ALA B 362 -2.09 -5.71 17.88
N ASP B 363 -1.93 -6.92 18.40
CA ASP B 363 -0.63 -7.34 18.96
C ASP B 363 0.38 -7.59 17.82
N LEU B 364 -0.11 -7.99 16.64
CA LEU B 364 0.77 -8.13 15.46
C LEU B 364 1.17 -6.78 14.86
N PHE B 365 0.25 -5.79 14.88
CA PHE B 365 0.52 -4.46 14.35
C PHE B 365 0.27 -3.46 15.45
N TYR B 366 1.25 -3.30 16.31
CA TYR B 366 1.07 -2.65 17.62
C TYR B 366 1.63 -1.22 17.68
N LEU B 367 2.91 -1.07 18.05
CA LEU B 367 3.53 0.24 18.16
C LEU B 367 4.93 0.24 17.55
N PRO B 368 5.50 1.45 17.26
CA PRO B 368 6.77 1.50 16.51
C PRO B 368 7.98 0.89 17.19
N TYR B 369 8.00 0.80 18.51
CA TYR B 369 9.14 0.26 19.25
C TYR B 369 8.76 -0.99 20.03
N GLU B 370 7.59 -1.55 19.75
CA GLU B 370 7.06 -2.63 20.56
C GLU B 370 6.02 -3.43 19.79
N HIS B 371 6.12 -4.75 19.90
CA HIS B 371 5.05 -5.68 19.46
C HIS B 371 4.15 -5.99 20.65
N GLY B 372 2.90 -6.36 20.36
CA GLY B 372 1.97 -6.73 21.40
C GLY B 372 2.34 -8.07 21.96
N PRO B 373 1.80 -8.44 23.13
CA PRO B 373 2.22 -9.70 23.77
C PRO B 373 2.07 -10.98 22.91
N LYS B 374 0.94 -11.19 22.22
CA LYS B 374 0.84 -12.40 21.35
C LYS B 374 1.86 -12.38 20.18
N GLY B 375 2.31 -11.21 19.76
CA GLY B 375 3.28 -11.09 18.67
C GLY B 375 4.67 -11.40 19.16
N ALA B 376 5.06 -10.77 20.24
CA ALA B 376 6.38 -11.04 20.86
C ALA B 376 6.56 -12.50 21.30
N GLN B 377 5.45 -13.11 21.74
CA GLN B 377 5.42 -14.51 22.15
C GLN B 377 5.71 -15.40 20.97
N MET B 378 5.03 -15.18 19.84
CA MET B 378 5.26 -15.99 18.65
C MET B 378 6.68 -15.82 18.17
N LEU B 379 7.24 -14.63 18.41
CA LEU B 379 8.59 -14.35 17.98
C LEU B 379 9.58 -15.11 18.85
N ARG B 380 9.51 -14.95 20.18
CA ARG B 380 10.45 -15.64 21.07
C ARG B 380 10.38 -17.17 20.83
N GLU B 381 9.16 -17.69 20.71
CA GLU B 381 8.94 -19.11 20.51
C GLU B 381 9.53 -19.63 19.18
N PHE B 382 9.38 -18.86 18.11
CA PHE B 382 9.95 -19.24 16.85
C PHE B 382 11.49 -19.19 16.87
N GLN B 383 12.06 -18.21 17.59
CA GLN B 383 13.51 -18.10 17.74
C GLN B 383 14.05 -19.31 18.48
N TRP B 384 13.36 -19.67 19.55
CA TRP B 384 13.70 -20.85 20.31
C TRP B 384 13.65 -22.13 19.48
N LEU B 385 12.56 -22.31 18.72
CA LEU B 385 12.44 -23.46 17.82
C LEU B 385 13.56 -23.53 16.80
N ARG B 386 13.83 -22.44 16.11
CA ARG B 386 14.92 -22.42 15.15
C ARG B 386 16.27 -22.74 15.85
N ALA B 387 16.53 -22.07 16.97
CA ALA B 387 17.78 -22.25 17.74
C ALA B 387 17.98 -23.69 18.18
N ASN B 388 16.95 -24.28 18.76
CA ASN B 388 17.01 -25.64 19.27
C ASN B 388 16.59 -26.73 18.28
N SER B 389 16.64 -26.48 16.97
CA SER B 389 16.22 -27.52 16.02
C SER B 389 17.21 -28.66 15.82
N SER B 390 18.48 -28.49 16.21
CA SER B 390 19.52 -29.45 15.85
C SER B 390 19.33 -30.81 16.52
N VAL B 391 18.46 -30.88 17.52
CA VAL B 391 18.16 -32.13 18.17
C VAL B 391 17.02 -32.94 17.47
N VAL B 392 16.75 -32.63 16.20
CA VAL B 392 15.74 -33.31 15.42
C VAL B 392 16.27 -33.49 14.01
N GLU B 402 17.43 -36.11 24.18
CA GLU B 402 16.69 -37.21 24.82
C GLU B 402 15.35 -36.72 25.35
N LYS B 403 15.35 -35.58 26.05
CA LYS B 403 14.13 -34.90 26.56
C LYS B 403 13.64 -33.78 25.61
N ILE B 404 13.79 -34.05 24.32
CA ILE B 404 13.34 -33.22 23.20
C ILE B 404 11.99 -33.65 22.64
N GLU B 405 11.14 -34.09 23.55
CA GLU B 405 9.70 -34.19 23.35
C GLU B 405 9.19 -32.76 23.59
N GLU B 406 10.00 -31.90 24.24
CA GLU B 406 9.63 -30.51 24.44
C GLU B 406 9.66 -29.73 23.12
N TRP B 407 10.64 -29.99 22.27
CA TRP B 407 10.71 -29.30 20.97
C TRP B 407 9.42 -29.55 20.21
N ARG B 408 9.05 -30.83 20.09
CA ARG B 408 7.88 -31.24 19.34
C ARG B 408 6.63 -30.63 19.93
N SER B 409 6.53 -30.73 21.24
CA SER B 409 5.38 -30.21 21.95
C SER B 409 5.20 -28.75 21.65
N ARG B 410 6.30 -28.01 21.68
CA ARG B 410 6.28 -26.56 21.48
C ARG B 410 6.06 -26.16 20.00
N ALA B 411 6.42 -27.06 19.10
CA ALA B 411 6.18 -26.87 17.70
C ALA B 411 4.69 -26.95 17.35
N ALA B 412 4.00 -27.93 17.93
CA ALA B 412 2.55 -28.10 17.67
C ALA B 412 1.77 -26.90 18.22
N LYS B 413 2.13 -26.52 19.42
CA LYS B 413 1.61 -25.36 20.11
C LYS B 413 1.83 -24.09 19.28
N PHE B 414 2.99 -24.00 18.64
CA PHE B 414 3.28 -22.87 17.76
C PHE B 414 2.50 -22.90 16.45
N GLU B 415 2.45 -24.10 15.85
CA GLU B 415 1.61 -24.33 14.68
C GLU B 415 0.15 -24.01 14.91
N GLU B 416 -0.36 -24.21 16.13
CA GLU B 416 -1.72 -23.75 16.45
C GLU B 416 -1.81 -22.20 16.49
N MET B 417 -0.78 -21.54 16.99
CA MET B 417 -0.76 -20.06 17.03
C MET B 417 -0.84 -19.51 15.62
N CYS B 418 -0.10 -20.13 14.70
CA CYS B 418 -0.14 -19.73 13.30
C CYS B 418 -1.55 -19.89 12.74
N GLY B 419 -2.25 -20.95 13.12
CA GLY B 419 -3.65 -21.15 12.75
C GLY B 419 -4.57 -20.00 13.14
N LEU B 420 -4.33 -19.42 14.32
CA LEU B 420 -5.14 -18.31 14.76
C LEU B 420 -4.98 -17.07 13.87
N VAL B 421 -3.78 -16.89 13.32
CA VAL B 421 -3.54 -15.83 12.36
C VAL B 421 -4.34 -16.07 11.08
N MET B 422 -4.31 -17.30 10.56
CA MET B 422 -5.04 -17.66 9.33
C MET B 422 -6.54 -17.48 9.58
N GLY B 423 -7.00 -17.93 10.75
CA GLY B 423 -8.40 -17.79 11.17
C GLY B 423 -8.85 -16.35 11.26
N MET B 424 -8.00 -15.52 11.85
CA MET B 424 -8.24 -14.08 11.96
C MET B 424 -8.40 -13.42 10.60
N PHE B 425 -7.54 -13.78 9.67
CA PHE B 425 -7.62 -13.29 8.30
C PHE B 425 -8.88 -13.77 7.58
N THR B 426 -9.19 -15.06 7.71
CA THR B 426 -10.38 -15.62 7.07
C THR B 426 -11.62 -14.87 7.51
N ARG B 427 -11.79 -14.71 8.83
CA ARG B 427 -13.01 -14.07 9.34
C ARG B 427 -13.08 -12.59 9.05
N LEU B 428 -11.93 -11.99 8.88
CA LEU B 428 -11.87 -10.56 8.59
C LEU B 428 -12.27 -10.31 7.13
N SER B 429 -11.88 -11.22 6.25
CA SER B 429 -12.26 -11.13 4.84
C SER B 429 -13.75 -11.48 4.62
N ASN B 430 -14.33 -12.26 5.54
CA ASN B 430 -15.77 -12.48 5.58
C ASN B 430 -16.59 -11.42 6.29
N CYS B 431 -16.00 -10.34 6.78
CA CYS B 431 -16.78 -9.37 7.54
C CYS B 431 -17.60 -8.51 6.61
N ALA B 432 -18.56 -7.77 7.16
CA ALA B 432 -19.48 -6.97 6.35
C ALA B 432 -19.06 -5.53 6.21
N ASN B 433 -18.15 -5.04 7.03
CA ASN B 433 -17.69 -3.64 6.91
C ASN B 433 -16.47 -3.58 5.98
N ARG B 434 -16.74 -3.36 4.71
CA ARG B 434 -15.76 -3.59 3.68
C ARG B 434 -14.76 -2.46 3.68
N THR B 435 -15.24 -1.27 4.05
CA THR B 435 -14.39 -0.09 4.17
C THR B 435 -13.18 -0.36 5.05
N ILE B 436 -13.44 -1.05 6.16
CA ILE B 436 -12.41 -1.43 7.12
C ILE B 436 -11.54 -2.52 6.51
N LEU B 437 -12.14 -3.59 6.00
CA LEU B 437 -11.36 -4.62 5.33
C LEU B 437 -10.36 -4.06 4.33
N TYR B 438 -10.81 -3.17 3.45
CA TYR B 438 -9.97 -2.66 2.39
C TYR B 438 -8.83 -1.83 2.95
N ASP B 439 -9.13 -0.89 3.86
CA ASP B 439 -8.07 -0.06 4.42
C ASP B 439 -6.90 -0.91 5.01
N MET B 440 -7.18 -2.16 5.41
CA MET B 440 -6.16 -2.97 6.08
C MET B 440 -5.75 -4.22 5.33
N TYR B 441 -6.26 -4.41 4.12
CA TYR B 441 -6.16 -5.72 3.51
C TYR B 441 -4.68 -6.13 3.30
N SER B 442 -3.89 -5.24 2.73
CA SER B 442 -2.51 -5.55 2.42
C SER B 442 -1.77 -6.10 3.62
N TYR B 443 -1.94 -5.40 4.73
CA TYR B 443 -1.21 -5.67 5.94
C TYR B 443 -1.61 -7.01 6.53
N VAL B 444 -2.91 -7.31 6.53
CA VAL B 444 -3.38 -8.59 7.01
C VAL B 444 -2.94 -9.73 6.09
N TRP B 445 -3.00 -9.53 4.78
CA TRP B 445 -2.57 -10.60 3.88
C TRP B 445 -1.10 -10.95 4.13
N ASP B 446 -0.30 -9.91 4.30
CA ASP B 446 1.13 -10.01 4.43
C ASP B 446 1.48 -10.92 5.61
N ILE B 447 0.97 -10.54 6.80
CA ILE B 447 1.25 -11.28 8.02
C ILE B 447 0.81 -12.75 7.92
N LYS B 448 -0.38 -12.97 7.37
CA LYS B 448 -0.90 -14.30 7.16
C LYS B 448 0.02 -15.12 6.24
N SER B 449 0.44 -14.54 5.12
CA SER B 449 1.32 -15.26 4.20
C SER B 449 2.64 -15.62 4.82
N ILE B 450 3.19 -14.71 5.58
CA ILE B 450 4.49 -14.92 6.23
C ILE B 450 4.37 -15.94 7.36
N MET B 451 3.31 -15.86 8.18
CA MET B 451 3.11 -16.87 9.21
C MET B 451 2.88 -18.24 8.57
N SER B 452 2.22 -18.25 7.43
CA SER B 452 1.95 -19.47 6.72
C SER B 452 3.24 -20.15 6.31
N MET B 453 4.20 -19.34 5.88
CA MET B 453 5.51 -19.84 5.51
C MET B 453 6.34 -20.18 6.75
N VAL B 454 6.15 -19.45 7.84
CA VAL B 454 6.80 -19.80 9.12
C VAL B 454 6.28 -21.15 9.65
N LYS B 455 4.99 -21.39 9.54
CA LYS B 455 4.39 -22.67 9.94
C LYS B 455 5.00 -23.83 9.15
N SER B 456 5.11 -23.64 7.84
CA SER B 456 5.76 -24.61 6.98
C SER B 456 7.15 -24.88 7.42
N PHE B 457 7.90 -23.81 7.66
CA PHE B 457 9.31 -23.95 7.98
C PHE B 457 9.48 -24.77 9.26
N VAL B 458 8.66 -24.48 10.26
CA VAL B 458 8.69 -25.25 11.50
C VAL B 458 8.32 -26.70 11.21
N GLN B 459 7.23 -26.92 10.47
CA GLN B 459 6.88 -28.28 10.01
C GLN B 459 8.06 -28.99 9.40
N TRP B 460 8.73 -28.31 8.48
CA TRP B 460 9.86 -28.86 7.74
C TRP B 460 10.99 -29.23 8.70
N LEU B 461 11.27 -28.33 9.63
CA LEU B 461 12.24 -28.63 10.68
C LEU B 461 11.96 -29.96 11.43
N GLY B 462 10.68 -30.18 11.75
CA GLY B 462 10.21 -31.39 12.39
C GLY B 462 10.26 -32.62 11.49
N CYS B 463 9.74 -32.54 10.25
CA CYS B 463 9.70 -33.71 9.32
C CYS B 463 11.24 -34.08 8.89
N ARG B 464 12.30 -33.48 9.51
CA ARG B 464 13.76 -33.73 9.13
C ARG B 464 14.46 -35.03 9.59
N SER B 465 13.99 -35.61 10.68
CA SER B 465 14.42 -36.94 11.10
C SER B 465 13.91 -38.06 10.20
N HIS B 466 12.95 -37.78 9.33
CA HIS B 466 12.43 -38.77 8.39
C HIS B 466 12.49 -38.34 6.91
N SER B 467 13.27 -37.30 6.61
CA SER B 467 13.35 -36.74 5.25
C SER B 467 14.49 -35.76 5.14
N SER B 468 15.15 -35.78 3.99
CA SER B 468 16.23 -34.88 3.66
C SER B 468 15.88 -34.09 2.41
N ALA B 469 14.63 -33.68 2.29
CA ALA B 469 14.24 -32.83 1.20
C ALA B 469 14.64 -31.37 1.55
N GLN B 470 14.80 -30.56 0.51
CA GLN B 470 15.01 -29.13 0.66
C GLN B 470 13.74 -28.48 1.23
N PHE B 471 13.91 -27.32 1.86
CA PHE B 471 12.75 -26.54 2.28
C PHE B 471 11.99 -26.05 1.04
N LEU B 472 12.58 -25.17 0.25
CA LEU B 472 11.98 -24.84 -1.05
C LEU B 472 12.32 -25.97 -2.02
N ILE B 473 11.27 -26.53 -2.63
CA ILE B 473 11.40 -27.65 -3.56
C ILE B 473 11.12 -27.17 -4.97
N GLY B 474 12.20 -26.98 -5.73
CA GLY B 474 12.17 -26.60 -7.15
C GLY B 474 11.93 -25.11 -7.46
N ASP B 475 11.19 -24.87 -8.55
CA ASP B 475 10.93 -23.54 -9.10
C ASP B 475 9.68 -22.91 -8.42
N GLN B 476 9.88 -21.75 -7.80
CA GLN B 476 8.86 -21.18 -6.93
C GLN B 476 8.11 -20.05 -7.62
N GLU B 477 7.01 -19.67 -6.98
CA GLU B 477 6.21 -18.55 -7.39
C GLU B 477 6.89 -17.33 -6.77
N PRO B 478 6.67 -16.13 -7.32
CA PRO B 478 7.46 -15.00 -6.90
C PRO B 478 7.30 -14.58 -5.42
N TRP B 479 6.17 -14.91 -4.81
CA TRP B 479 5.88 -14.53 -3.41
C TRP B 479 6.65 -15.29 -2.38
N ALA B 480 7.27 -16.42 -2.75
CA ALA B 480 8.30 -17.09 -1.92
C ALA B 480 9.47 -16.13 -1.58
N PHE B 481 9.87 -15.32 -2.56
CA PHE B 481 10.93 -14.33 -2.41
C PHE B 481 10.51 -12.81 -2.35
N ARG B 482 10.47 -12.28 -1.13
CA ARG B 482 9.75 -11.07 -0.82
C ARG B 482 10.57 -9.78 -1.06
N GLY B 483 9.91 -8.75 -1.52
CA GLY B 483 10.41 -7.37 -1.34
C GLY B 483 10.85 -6.65 -2.59
N GLY B 484 11.13 -7.39 -3.66
CA GLY B 484 11.61 -6.78 -4.90
C GLY B 484 12.97 -6.14 -4.79
N LEU B 485 13.20 -5.09 -5.56
CA LEU B 485 14.49 -4.43 -5.61
C LEU B 485 14.78 -3.78 -4.28
N ALA B 486 13.78 -3.12 -3.72
CA ALA B 486 13.92 -2.49 -2.38
C ALA B 486 14.42 -3.50 -1.39
N GLY B 487 13.74 -4.65 -1.36
CA GLY B 487 14.16 -5.76 -0.53
C GLY B 487 15.61 -6.18 -0.73
N GLU B 488 16.10 -6.14 -1.97
CA GLU B 488 17.44 -6.63 -2.25
C GLU B 488 18.49 -5.66 -1.76
N PHE B 489 18.25 -4.37 -1.95
CA PHE B 489 19.13 -3.34 -1.40
C PHE B 489 19.13 -3.34 0.12
N GLN B 490 17.99 -3.63 0.70
CA GLN B 490 17.89 -3.74 2.15
C GLN B 490 18.74 -4.86 2.71
N ARG B 491 18.66 -6.03 2.11
CA ARG B 491 19.45 -7.17 2.60
C ARG B 491 20.96 -6.90 2.57
N LEU B 492 21.40 -6.03 1.67
CA LEU B 492 22.81 -5.64 1.56
C LEU B 492 23.29 -4.67 2.62
N LEU B 493 22.38 -3.92 3.23
CA LEU B 493 22.78 -3.08 4.40
C LEU B 493 22.88 -4.02 5.59
N PRO B 494 23.78 -3.72 6.55
CA PRO B 494 23.59 -4.36 7.88
C PRO B 494 22.62 -3.64 8.87
N ILE B 495 21.35 -4.03 8.82
CA ILE B 495 20.33 -3.48 9.72
C ILE B 495 19.64 -4.64 10.46
#